data_2OLS
#
_entry.id   2OLS
#
_cell.length_a   183.046
_cell.length_b   183.046
_cell.length_c   72.245
_cell.angle_alpha   90.00
_cell.angle_beta   90.00
_cell.angle_gamma   90.00
#
_symmetry.space_group_name_H-M   'P 43 21 2'
#
loop_
_entity.id
_entity.type
_entity.pdbx_description
1 polymer 'Phosphoenolpyruvate synthase'
2 water water
#
_entity_poly.entity_id   1
_entity_poly.type   'polypeptide(L)'
_entity_poly.pdbx_seq_one_letter_code
;MADNYVIWFENLRMTDVERVGGKNASLGEMISQLTEKGVRVPGGFATTAEAYRAFLAHNGLSERISAALAKLDVEDVAEL
ARVGKEIRQWILDTPFPEQLDAEIEAAWNKMVADAGGADISVAVRSSATAEDLPDASFAGQQETFLNINGLDNVKEAMHH
VFASLYNDRAISYRVHKGFEHDIVALSAGVQRMVRSDSGASGVMFTLDTESGYDQVVFVTSSYGLGENVVQGAVNPDEFY
VFKPTLKAGKPAILRKTMGSKHIKMIFTDKAEAGKSVTNVDVPEEDRNRFSITDEEITELAHYALTIEKHYGRPMDIEWG
RDGLDGKLYILQARPETVKSQEEGNRNLRRFAINGDKTVLCEGRAIGQKVGQGKVRLIKDASEMDSVEAGDVLVTDMTDP
DWEPVMKRASAIVTNRGGRTCHAAIIARELGIPAVVGCGNATELLKNGQEVTVSCAEGDTGFIYAGLLDVQITDVALDNM
PKAPVKVMMNVGNPELAFSFANLPSEGIGLARMEFIINRQIGIHPKALLEFDKQDDELKAEITRRIAGYASPVDFYVDKI
AEGVATLAASVYPRKTIVRMSDFKSNEYANLVGGNVYEPHEENPMLGFRGAARYVADNFKDCFALECKALKRVRDEMGLT
NVEIMIPFVRTLGEAEAVVKALKENGLERGKNGLRLIMMCELPSNAVLAEQFLQYFDGFSIGSNDMTQLTLGLDRDSGLV
SESFDERNPAVKVMLHLAISACRKQNKYVGICGQGPSDHPDFAKWLVEEGIESVSLNPDTVIETWLYLANELNK
;
_entity_poly.pdbx_strand_id   A
#
# COMPACT_ATOMS: atom_id res chain seq x y z
N ASN A 4 -16.70 -38.82 -4.07
CA ASN A 4 -17.54 -38.37 -2.91
C ASN A 4 -16.63 -38.02 -1.71
N TYR A 5 -15.52 -38.76 -1.57
CA TYR A 5 -14.47 -38.44 -0.59
C TYR A 5 -13.32 -37.57 -1.13
N VAL A 6 -12.86 -37.89 -2.33
CA VAL A 6 -11.84 -37.13 -3.00
C VAL A 6 -12.44 -36.53 -4.27
N ILE A 7 -12.22 -35.21 -4.46
CA ILE A 7 -12.63 -34.51 -5.67
C ILE A 7 -11.47 -33.75 -6.29
N TRP A 8 -11.33 -33.87 -7.60
CA TRP A 8 -10.34 -33.13 -8.35
C TRP A 8 -10.70 -31.66 -8.51
N PHE A 9 -9.70 -30.79 -8.34
CA PHE A 9 -9.91 -29.33 -8.48
C PHE A 9 -10.66 -28.98 -9.76
N GLU A 10 -10.25 -29.56 -10.89
CA GLU A 10 -10.92 -29.24 -12.16
C GLU A 10 -12.42 -29.53 -12.14
N ASN A 11 -12.90 -30.35 -11.20
CA ASN A 11 -14.34 -30.59 -10.99
C ASN A 11 -14.98 -29.81 -9.83
N LEU A 12 -14.26 -28.85 -9.26
CA LEU A 12 -14.80 -27.99 -8.20
C LEU A 12 -15.10 -26.61 -8.76
N ARG A 13 -16.01 -25.93 -8.09
CA ARG A 13 -16.46 -24.61 -8.48
C ARG A 13 -16.65 -23.91 -7.15
N MET A 14 -16.99 -22.63 -7.19
CA MET A 14 -17.11 -21.85 -5.97
C MET A 14 -18.37 -22.23 -5.20
N THR A 15 -19.31 -22.88 -5.89
CA THR A 15 -20.50 -23.39 -5.24
C THR A 15 -20.23 -24.66 -4.40
N ASP A 16 -18.98 -25.16 -4.38
CA ASP A 16 -18.64 -26.35 -3.60
C ASP A 16 -18.00 -26.05 -2.24
N VAL A 17 -18.17 -24.82 -1.77
CA VAL A 17 -17.55 -24.31 -0.54
C VAL A 17 -17.88 -25.05 0.75
N GLU A 18 -19.03 -25.68 0.81
CA GLU A 18 -19.46 -26.42 2.01
C GLU A 18 -18.86 -27.79 2.03
N ARG A 19 -18.43 -28.23 0.87
CA ARG A 19 -17.89 -29.56 0.66
C ARG A 19 -16.36 -29.60 0.78
N VAL A 20 -15.68 -28.60 0.20
CA VAL A 20 -14.22 -28.54 0.17
C VAL A 20 -13.63 -27.29 0.83
N GLY A 21 -14.46 -26.40 1.37
CA GLY A 21 -13.96 -25.11 1.87
C GLY A 21 -13.68 -24.06 0.78
N GLY A 22 -13.52 -22.81 1.22
CA GLY A 22 -13.31 -21.68 0.30
C GLY A 22 -12.03 -21.74 -0.54
N LYS A 23 -10.93 -22.19 0.07
CA LYS A 23 -9.65 -22.27 -0.64
C LYS A 23 -9.66 -23.26 -1.81
N ASN A 24 -10.16 -24.46 -1.58
CA ASN A 24 -10.21 -25.49 -2.63
C ASN A 24 -11.24 -25.17 -3.70
N ALA A 25 -12.38 -24.65 -3.28
CA ALA A 25 -13.47 -24.23 -4.19
C ALA A 25 -13.00 -23.17 -5.15
N SER A 26 -12.26 -22.21 -4.61
CA SER A 26 -11.69 -21.12 -5.38
C SER A 26 -10.64 -21.61 -6.40
N LEU A 27 -9.85 -22.59 -5.98
CA LEU A 27 -8.85 -23.24 -6.84
C LEU A 27 -9.54 -23.88 -8.05
N GLY A 28 -10.62 -24.62 -7.80
CA GLY A 28 -11.43 -25.21 -8.88
C GLY A 28 -12.12 -24.19 -9.76
N GLU A 29 -12.64 -23.13 -9.16
CA GLU A 29 -13.25 -22.02 -9.89
C GLU A 29 -12.26 -21.38 -10.87
N MET A 30 -11.00 -21.22 -10.47
CA MET A 30 -9.98 -20.65 -11.35
C MET A 30 -9.50 -21.64 -12.42
N ILE A 31 -9.33 -22.89 -12.04
CA ILE A 31 -8.88 -23.91 -12.98
C ILE A 31 -9.93 -24.11 -14.05
N SER A 32 -11.17 -24.26 -13.62
CA SER A 32 -12.26 -24.54 -14.55
C SER A 32 -12.67 -23.34 -15.43
N GLN A 33 -12.52 -22.12 -14.93
CA GLN A 33 -12.99 -20.92 -15.66
C GLN A 33 -11.92 -20.03 -16.28
N LEU A 34 -10.74 -19.92 -15.65
CA LEU A 34 -9.76 -18.89 -16.03
C LEU A 34 -8.51 -19.40 -16.76
N THR A 35 -8.28 -20.69 -16.81
CA THR A 35 -7.08 -21.16 -17.49
C THR A 35 -7.07 -20.71 -18.95
N GLU A 36 -8.25 -20.73 -19.57
CA GLU A 36 -8.43 -20.13 -20.92
C GLU A 36 -8.20 -18.60 -20.98
N LYS A 37 -8.46 -17.88 -19.88
CA LYS A 37 -8.04 -16.47 -19.77
C LYS A 37 -6.56 -16.32 -19.31
N GLY A 38 -5.73 -17.37 -19.38
CA GLY A 38 -4.26 -17.25 -19.15
C GLY A 38 -3.70 -17.54 -17.74
N VAL A 39 -4.60 -17.78 -16.78
CA VAL A 39 -4.23 -18.05 -15.41
C VAL A 39 -3.77 -19.52 -15.32
N ARG A 40 -2.62 -19.72 -14.68
CA ARG A 40 -2.02 -21.02 -14.55
C ARG A 40 -2.09 -21.44 -13.11
N VAL A 41 -2.91 -22.43 -12.81
CA VAL A 41 -3.01 -22.90 -11.43
C VAL A 41 -2.62 -24.35 -11.35
N PRO A 42 -1.78 -24.70 -10.38
CA PRO A 42 -1.38 -26.10 -10.28
C PRO A 42 -2.55 -27.02 -9.93
N GLY A 43 -2.53 -28.22 -10.49
CA GLY A 43 -3.57 -29.21 -10.26
C GLY A 43 -3.45 -29.95 -8.93
N GLY A 44 -4.45 -30.80 -8.67
CA GLY A 44 -4.53 -31.58 -7.44
C GLY A 44 -5.93 -32.04 -7.09
N PHE A 45 -6.14 -32.31 -5.80
CA PHE A 45 -7.41 -32.81 -5.29
C PHE A 45 -7.73 -32.37 -3.87
N ALA A 46 -9.02 -32.38 -3.54
CA ALA A 46 -9.49 -32.01 -2.23
C ALA A 46 -10.17 -33.22 -1.61
N THR A 47 -10.02 -33.40 -0.30
CA THR A 47 -10.94 -34.24 0.43
C THR A 47 -12.16 -33.41 0.79
N THR A 48 -13.26 -34.08 1.09
CA THR A 48 -14.56 -33.45 1.29
C THR A 48 -14.94 -33.50 2.76
N ALA A 49 -15.93 -32.68 3.12
CA ALA A 49 -16.43 -32.62 4.49
C ALA A 49 -16.95 -33.97 4.98
N GLU A 50 -17.60 -34.75 4.10
CA GLU A 50 -18.05 -36.09 4.50
C GLU A 50 -16.91 -37.13 4.60
N ALA A 51 -15.81 -36.94 3.86
CA ALA A 51 -14.57 -37.69 4.13
C ALA A 51 -14.12 -37.47 5.57
N TYR A 52 -14.12 -36.21 6.01
CA TYR A 52 -13.70 -35.84 7.36
C TYR A 52 -14.62 -36.41 8.45
N ARG A 53 -15.92 -36.37 8.18
CA ARG A 53 -16.92 -36.95 9.09
C ARG A 53 -16.79 -38.46 9.24
N ALA A 54 -16.50 -39.14 8.13
CA ALA A 54 -16.37 -40.57 8.11
C ALA A 54 -15.13 -40.93 8.90
N PHE A 55 -14.03 -40.25 8.60
CA PHE A 55 -12.78 -40.41 9.37
C PHE A 55 -12.97 -40.25 10.88
N LEU A 56 -13.68 -39.19 11.25
CA LEU A 56 -13.87 -38.80 12.64
C LEU A 56 -14.91 -39.66 13.40
N ALA A 57 -15.76 -40.38 12.67
CA ALA A 57 -16.73 -41.29 13.28
C ALA A 57 -16.07 -42.47 14.00
N HIS A 58 -14.80 -42.74 13.70
CA HIS A 58 -14.11 -43.95 14.12
C HIS A 58 -14.16 -44.25 15.64
N ASN A 59 -14.96 -45.24 16.03
CA ASN A 59 -14.97 -45.81 17.38
C ASN A 59 -15.38 -44.99 18.65
N GLY A 60 -16.32 -44.04 18.68
CA GLY A 60 -16.58 -43.04 17.70
C GLY A 60 -15.93 -41.78 18.30
N LEU A 61 -14.71 -41.55 17.84
CA LEU A 61 -13.93 -40.38 18.20
C LEU A 61 -14.72 -39.09 18.21
N SER A 62 -15.58 -38.90 17.21
CA SER A 62 -16.33 -37.65 17.06
C SER A 62 -17.07 -37.26 18.33
N GLU A 63 -17.69 -38.24 18.97
CA GLU A 63 -18.47 -37.99 20.18
C GLU A 63 -17.60 -37.88 21.43
N ARG A 64 -16.44 -38.54 21.42
CA ARG A 64 -15.46 -38.29 22.47
C ARG A 64 -14.94 -36.84 22.48
N ILE A 65 -14.59 -36.33 21.31
CA ILE A 65 -14.19 -34.94 21.14
C ILE A 65 -15.32 -34.02 21.66
N SER A 66 -16.48 -34.19 21.07
CA SER A 66 -17.71 -33.48 21.48
C SER A 66 -18.00 -33.55 23.00
N ALA A 67 -17.68 -34.65 23.66
CA ALA A 67 -17.84 -34.76 25.10
C ALA A 67 -16.86 -33.86 25.87
N ALA A 68 -15.60 -33.86 25.43
CA ALA A 68 -14.52 -33.10 26.08
C ALA A 68 -14.77 -31.62 25.94
N LEU A 69 -15.02 -31.19 24.70
CA LEU A 69 -15.36 -29.80 24.35
C LEU A 69 -16.59 -29.28 25.09
N ALA A 70 -17.56 -30.17 25.33
CA ALA A 70 -18.73 -29.84 26.16
C ALA A 70 -18.27 -29.24 27.49
N LYS A 71 -17.75 -30.09 28.37
CA LYS A 71 -17.25 -29.64 29.66
C LYS A 71 -15.82 -29.12 29.52
N LEU A 72 -15.67 -27.88 29.06
CA LEU A 72 -14.35 -27.23 28.96
C LEU A 72 -14.53 -25.74 28.78
N ASP A 73 -13.93 -24.98 29.70
CA ASP A 73 -13.87 -23.51 29.63
C ASP A 73 -12.74 -23.11 28.70
N VAL A 74 -13.06 -22.59 27.51
CA VAL A 74 -12.04 -22.20 26.53
C VAL A 74 -11.21 -21.01 27.03
N GLU A 75 -11.74 -20.30 28.03
CA GLU A 75 -11.07 -19.15 28.60
C GLU A 75 -10.42 -19.57 29.91
N ASP A 76 -10.22 -20.87 30.08
CA ASP A 76 -9.24 -21.34 31.02
C ASP A 76 -8.13 -21.98 30.26
N VAL A 77 -6.97 -21.33 30.25
CA VAL A 77 -6.05 -21.44 29.12
C VAL A 77 -5.22 -22.69 29.27
N ALA A 78 -5.10 -23.16 30.51
CA ALA A 78 -4.61 -24.49 30.77
C ALA A 78 -5.47 -25.59 30.20
N GLU A 79 -6.69 -25.68 30.68
CA GLU A 79 -7.54 -26.77 30.29
C GLU A 79 -7.56 -26.85 28.81
N LEU A 80 -7.46 -25.70 28.17
CA LEU A 80 -7.70 -25.62 26.74
C LEU A 80 -6.53 -26.15 25.98
N ALA A 81 -5.35 -25.80 26.42
CA ALA A 81 -4.12 -26.42 25.92
C ALA A 81 -4.09 -27.92 26.21
N ARG A 82 -4.56 -28.36 27.38
CA ARG A 82 -4.54 -29.79 27.70
C ARG A 82 -5.53 -30.58 26.84
N VAL A 83 -6.78 -30.14 26.81
CA VAL A 83 -7.81 -30.80 26.01
C VAL A 83 -7.48 -30.75 24.51
N GLY A 84 -7.04 -29.59 24.02
CA GLY A 84 -6.68 -29.44 22.60
C GLY A 84 -5.64 -30.45 22.15
N LYS A 85 -4.58 -30.60 22.93
CA LYS A 85 -3.47 -31.51 22.64
C LYS A 85 -3.95 -32.95 22.61
N GLU A 86 -4.88 -33.23 23.50
CA GLU A 86 -5.44 -34.55 23.70
C GLU A 86 -6.24 -34.93 22.47
N ILE A 87 -7.11 -34.02 22.04
CA ILE A 87 -7.93 -34.19 20.85
C ILE A 87 -7.05 -34.39 19.63
N ARG A 88 -6.08 -33.52 19.46
CA ARG A 88 -5.16 -33.62 18.34
C ARG A 88 -4.38 -34.93 18.27
N GLN A 89 -4.10 -35.55 19.41
CA GLN A 89 -3.38 -36.83 19.42
C GLN A 89 -4.30 -37.96 19.03
N TRP A 90 -5.59 -37.81 19.32
CA TRP A 90 -6.59 -38.80 18.92
C TRP A 90 -6.78 -38.82 17.41
N ILE A 91 -6.86 -37.65 16.81
CA ILE A 91 -6.95 -37.52 15.36
C ILE A 91 -5.67 -38.11 14.74
N LEU A 92 -4.51 -37.81 15.32
CA LEU A 92 -3.24 -38.33 14.81
C LEU A 92 -3.20 -39.83 14.90
N ASP A 93 -3.72 -40.38 16.00
CA ASP A 93 -3.72 -41.82 16.19
C ASP A 93 -4.94 -42.48 15.60
N THR A 94 -5.77 -41.80 14.81
CA THR A 94 -6.93 -42.44 14.19
C THR A 94 -6.58 -42.77 12.74
N PRO A 95 -6.79 -44.03 12.34
CA PRO A 95 -6.49 -44.36 10.95
C PRO A 95 -7.55 -43.88 9.94
N PHE A 96 -7.13 -43.67 8.70
CA PHE A 96 -8.04 -43.33 7.64
C PHE A 96 -8.92 -44.50 7.35
N PRO A 97 -10.21 -44.24 7.13
CA PRO A 97 -11.05 -45.35 6.65
C PRO A 97 -10.49 -45.93 5.35
N GLU A 98 -10.88 -47.17 5.08
CA GLU A 98 -10.27 -47.95 4.03
C GLU A 98 -10.58 -47.31 2.69
N GLN A 99 -11.77 -46.73 2.60
CA GLN A 99 -12.23 -46.13 1.37
C GLN A 99 -11.55 -44.79 1.09
N LEU A 100 -11.29 -44.03 2.16
CA LEU A 100 -10.55 -42.79 2.05
C LEU A 100 -9.10 -43.02 1.64
N ASP A 101 -8.41 -44.01 2.23
CA ASP A 101 -7.04 -44.37 1.81
C ASP A 101 -7.00 -44.78 0.36
N ALA A 102 -7.89 -45.69 -0.05
CA ALA A 102 -7.90 -46.14 -1.45
C ALA A 102 -8.11 -44.99 -2.44
N GLU A 103 -8.98 -44.05 -2.07
CA GLU A 103 -9.40 -42.97 -2.94
C GLU A 103 -8.30 -41.92 -3.04
N ILE A 104 -7.61 -41.64 -1.94
CA ILE A 104 -6.42 -40.81 -1.95
C ILE A 104 -5.35 -41.45 -2.81
N GLU A 105 -5.08 -42.72 -2.58
CA GLU A 105 -4.11 -43.42 -3.38
C GLU A 105 -4.40 -43.33 -4.88
N ALA A 106 -5.65 -43.44 -5.26
CA ALA A 106 -6.00 -43.49 -6.67
C ALA A 106 -5.82 -42.10 -7.28
N ALA A 107 -6.04 -41.07 -6.47
CA ALA A 107 -5.91 -39.67 -6.88
C ALA A 107 -4.46 -39.28 -6.97
N TRP A 108 -3.68 -39.69 -5.99
CA TRP A 108 -2.22 -39.60 -6.02
C TRP A 108 -1.66 -40.26 -7.27
N ASN A 109 -2.09 -41.48 -7.55
CA ASN A 109 -1.58 -42.19 -8.71
C ASN A 109 -1.88 -41.49 -10.01
N LYS A 110 -2.97 -40.73 -10.07
CA LYS A 110 -3.29 -40.02 -11.30
C LYS A 110 -2.46 -38.75 -11.48
N MET A 111 -2.19 -38.03 -10.39
CA MET A 111 -1.23 -36.93 -10.38
C MET A 111 0.16 -37.34 -10.91
N VAL A 112 0.73 -38.45 -10.41
CA VAL A 112 2.06 -38.88 -10.88
C VAL A 112 1.99 -39.38 -12.34
N ALA A 113 0.81 -39.85 -12.75
CA ALA A 113 0.56 -40.19 -14.15
C ALA A 113 0.48 -38.91 -15.03
N ASP A 114 -0.20 -37.87 -14.55
CA ASP A 114 -0.29 -36.59 -15.27
C ASP A 114 1.07 -35.92 -15.42
N ALA A 115 1.91 -36.13 -14.43
CA ALA A 115 3.26 -35.59 -14.46
C ALA A 115 4.18 -36.55 -15.20
N GLY A 116 3.70 -37.15 -16.30
CA GLY A 116 4.50 -38.05 -17.11
C GLY A 116 5.20 -39.16 -16.33
N GLY A 117 6.17 -38.78 -15.51
CA GLY A 117 6.95 -39.76 -14.75
C GLY A 117 6.16 -40.32 -13.58
N ALA A 118 6.43 -39.87 -12.35
CA ALA A 118 7.46 -38.87 -11.97
C ALA A 118 7.53 -38.78 -10.45
N ASP A 119 8.64 -38.29 -9.91
CA ASP A 119 8.75 -38.08 -8.45
C ASP A 119 8.35 -36.62 -8.15
N ILE A 120 7.05 -36.33 -8.32
CA ILE A 120 6.47 -35.00 -8.09
C ILE A 120 6.44 -34.65 -6.58
N SER A 121 6.42 -33.39 -6.19
CA SER A 121 6.07 -33.06 -4.81
C SER A 121 4.82 -32.19 -4.76
N VAL A 122 4.21 -32.09 -3.59
CA VAL A 122 2.90 -31.50 -3.43
C VAL A 122 2.83 -30.66 -2.17
N ALA A 123 1.90 -29.73 -2.15
CA ALA A 123 1.52 -29.02 -0.93
C ALA A 123 0.25 -29.70 -0.37
N VAL A 124 0.19 -29.87 0.94
CA VAL A 124 -1.01 -30.35 1.59
C VAL A 124 -1.50 -29.22 2.48
N ARG A 125 -2.60 -28.60 2.10
CA ARG A 125 -3.07 -27.39 2.75
C ARG A 125 -4.42 -27.60 3.37
N SER A 126 -4.74 -26.78 4.34
CA SER A 126 -6.02 -26.82 5.05
C SER A 126 -7.08 -25.88 4.44
N SER A 127 -8.25 -26.37 4.09
CA SER A 127 -9.30 -25.55 3.46
C SER A 127 -10.61 -25.66 4.24
N ALA A 128 -10.77 -24.81 5.26
CA ALA A 128 -11.84 -24.99 6.24
C ALA A 128 -13.19 -24.44 5.77
N THR A 129 -14.29 -25.05 6.26
CA THR A 129 -15.65 -24.70 5.79
C THR A 129 -16.20 -23.36 6.37
N ALA A 130 -15.32 -22.38 6.55
CA ALA A 130 -15.56 -21.27 7.45
C ALA A 130 -15.88 -19.98 6.71
N PHE A 138 -8.74 -17.44 7.28
CA PHE A 138 -8.36 -16.43 8.27
C PHE A 138 -7.13 -15.66 7.75
N ALA A 139 -5.95 -16.30 7.84
CA ALA A 139 -4.62 -15.60 7.81
C ALA A 139 -3.55 -16.24 6.88
N GLY A 140 -3.08 -17.45 7.19
CA GLY A 140 -3.68 -18.31 8.23
C GLY A 140 -2.74 -18.75 9.34
N GLN A 141 -3.33 -19.19 10.45
CA GLN A 141 -2.65 -20.20 11.27
C GLN A 141 -2.91 -21.53 10.54
N GLN A 142 -4.16 -21.68 10.02
CA GLN A 142 -4.45 -22.65 8.95
C GLN A 142 -3.70 -23.94 9.33
N GLU A 143 -3.08 -24.59 8.33
CA GLU A 143 -1.86 -25.39 8.51
C GLU A 143 -1.53 -26.00 7.16
N THR A 144 -0.26 -25.88 6.78
CA THR A 144 0.16 -26.25 5.43
C THR A 144 1.53 -26.96 5.44
N PHE A 145 1.73 -27.81 4.43
CA PHE A 145 2.91 -28.63 4.30
C PHE A 145 3.38 -28.57 2.87
N LEU A 146 4.69 -28.46 2.67
CA LEU A 146 5.24 -28.19 1.35
C LEU A 146 6.29 -29.21 0.98
N ASN A 147 6.42 -29.47 -0.32
CA ASN A 147 7.41 -30.40 -0.84
C ASN A 147 7.27 -31.77 -0.15
N ILE A 148 6.08 -32.36 -0.27
CA ILE A 148 5.77 -33.68 0.27
C ILE A 148 5.79 -34.66 -0.90
N ASN A 149 6.72 -35.62 -0.87
CA ASN A 149 7.18 -36.27 -2.10
C ASN A 149 6.56 -37.61 -2.42
N GLY A 150 6.14 -38.39 -1.40
CA GLY A 150 5.33 -39.63 -1.66
C GLY A 150 4.04 -39.93 -0.87
N LEU A 151 3.32 -40.97 -1.29
CA LEU A 151 1.97 -41.31 -0.79
C LEU A 151 1.78 -41.33 0.72
N ASP A 152 2.68 -41.99 1.42
CA ASP A 152 2.59 -42.12 2.87
C ASP A 152 2.93 -40.82 3.58
N ASN A 153 3.86 -40.07 3.02
CA ASN A 153 4.13 -38.71 3.50
C ASN A 153 2.91 -37.82 3.37
N VAL A 154 2.27 -37.90 2.19
CA VAL A 154 1.09 -37.12 1.92
C VAL A 154 -0.01 -37.45 2.91
N LYS A 155 -0.25 -38.74 3.15
CA LYS A 155 -1.28 -39.18 4.09
C LYS A 155 -1.02 -38.75 5.54
N GLU A 156 0.25 -38.70 5.93
CA GLU A 156 0.59 -38.31 7.29
C GLU A 156 0.52 -36.80 7.43
N ALA A 157 0.95 -36.06 6.41
CA ALA A 157 0.71 -34.62 6.31
C ALA A 157 -0.80 -34.29 6.31
N MET A 158 -1.62 -35.14 5.72
CA MET A 158 -3.07 -34.93 5.81
C MET A 158 -3.59 -35.13 7.23
N HIS A 159 -3.02 -36.08 7.96
CA HIS A 159 -3.43 -36.35 9.33
C HIS A 159 -3.24 -35.13 10.18
N HIS A 160 -2.15 -34.43 9.92
CA HIS A 160 -1.77 -33.25 10.68
C HIS A 160 -2.70 -32.11 10.34
N VAL A 161 -2.97 -31.92 9.06
CA VAL A 161 -3.94 -30.92 8.61
C VAL A 161 -5.31 -31.15 9.28
N PHE A 162 -5.79 -32.39 9.28
CA PHE A 162 -7.04 -32.76 9.94
C PHE A 162 -7.04 -32.40 11.42
N ALA A 163 -5.93 -32.68 12.10
CA ALA A 163 -5.78 -32.40 13.53
C ALA A 163 -5.75 -30.89 13.82
N SER A 164 -5.31 -30.11 12.82
CA SER A 164 -5.18 -28.66 12.95
C SER A 164 -6.53 -27.96 13.17
N LEU A 165 -7.63 -28.59 12.78
CA LEU A 165 -8.98 -28.05 13.05
C LEU A 165 -9.17 -27.80 14.54
N TYR A 166 -8.45 -28.56 15.36
CA TYR A 166 -8.61 -28.48 16.80
C TYR A 166 -7.35 -27.93 17.48
N ASN A 167 -6.55 -27.17 16.70
CA ASN A 167 -5.57 -26.24 17.25
C ASN A 167 -6.29 -25.39 18.28
N ASP A 168 -5.58 -25.00 19.33
CA ASP A 168 -6.21 -24.39 20.50
C ASP A 168 -6.92 -23.11 20.16
N ARG A 169 -6.27 -22.27 19.37
CA ARG A 169 -6.82 -20.98 18.99
C ARG A 169 -8.07 -21.16 18.12
N ALA A 170 -8.08 -22.22 17.31
CA ALA A 170 -9.23 -22.56 16.49
C ALA A 170 -10.43 -22.96 17.36
N ILE A 171 -10.17 -23.71 18.44
CA ILE A 171 -11.22 -24.08 19.39
C ILE A 171 -11.80 -22.84 20.05
N SER A 172 -10.91 -21.94 20.48
CA SER A 172 -11.35 -20.62 20.95
C SER A 172 -12.10 -19.86 19.85
N TYR A 173 -11.43 -19.59 18.74
CA TYR A 173 -12.02 -18.79 17.65
C TYR A 173 -13.45 -19.16 17.35
N ARG A 174 -13.75 -20.45 17.43
CA ARG A 174 -15.08 -20.95 17.18
C ARG A 174 -16.00 -20.75 18.38
N VAL A 175 -15.51 -21.04 19.59
CA VAL A 175 -16.29 -20.76 20.80
C VAL A 175 -16.61 -19.28 20.90
N HIS A 176 -15.66 -18.43 20.48
CA HIS A 176 -15.85 -16.98 20.47
C HIS A 176 -16.89 -16.55 19.43
N LYS A 177 -16.68 -16.85 18.14
CA LYS A 177 -17.73 -16.65 17.13
C LYS A 177 -19.08 -17.32 17.54
N GLY A 178 -19.06 -18.11 18.60
CA GLY A 178 -20.29 -18.57 19.26
C GLY A 178 -20.95 -19.67 18.48
N PHE A 179 -20.50 -20.92 18.72
CA PHE A 179 -20.95 -22.09 17.97
C PHE A 179 -21.21 -23.27 18.91
N ASP A 182 -19.30 -26.37 16.85
CA ASP A 182 -19.45 -27.59 17.63
C ASP A 182 -18.13 -28.33 17.75
N ILE A 183 -17.71 -28.97 16.65
CA ILE A 183 -18.61 -29.78 15.84
C ILE A 183 -18.49 -29.44 14.37
N VAL A 184 -17.29 -29.64 13.81
CA VAL A 184 -16.91 -29.02 12.54
C VAL A 184 -16.06 -29.96 11.70
N ALA A 185 -15.79 -29.56 10.46
CA ALA A 185 -14.94 -30.33 9.58
C ALA A 185 -13.95 -29.50 8.82
N LEU A 186 -13.05 -30.13 8.10
CA LEU A 186 -12.26 -29.44 7.10
C LEU A 186 -11.86 -30.34 5.93
N SER A 187 -11.33 -29.69 4.87
CA SER A 187 -10.86 -30.34 3.66
C SER A 187 -9.35 -30.15 3.49
N ALA A 188 -8.66 -31.20 3.04
CA ALA A 188 -7.24 -31.13 2.71
C ALA A 188 -7.11 -30.97 1.20
N GLY A 189 -6.38 -29.93 0.79
CA GLY A 189 -6.13 -29.70 -0.62
C GLY A 189 -4.74 -30.19 -0.90
N VAL A 190 -4.57 -31.04 -1.90
CA VAL A 190 -3.25 -31.60 -2.21
C VAL A 190 -2.91 -31.11 -3.60
N GLN A 191 -1.98 -30.14 -3.64
CA GLN A 191 -1.67 -29.43 -4.87
C GLN A 191 -0.22 -29.60 -5.28
N ARG A 192 0.00 -29.71 -6.57
CA ARG A 192 1.34 -29.78 -7.09
C ARG A 192 2.18 -28.52 -6.75
N MET A 193 3.44 -28.79 -6.43
CA MET A 193 4.40 -27.77 -6.13
C MET A 193 4.96 -27.14 -7.35
N VAL A 194 5.02 -25.83 -7.30
CA VAL A 194 5.73 -24.99 -8.22
C VAL A 194 7.12 -24.76 -7.68
N ARG A 195 8.10 -24.71 -8.56
CA ARG A 195 9.49 -24.62 -8.18
C ARG A 195 9.99 -23.20 -7.93
N SER A 196 9.30 -22.45 -7.08
CA SER A 196 9.73 -21.11 -6.70
C SER A 196 10.83 -21.16 -5.63
N ASP A 197 11.18 -22.36 -5.18
CA ASP A 197 12.35 -22.54 -4.34
C ASP A 197 13.60 -22.02 -5.04
N SER A 198 13.71 -22.21 -6.35
CA SER A 198 14.79 -21.60 -7.14
C SER A 198 14.35 -20.38 -7.94
N GLY A 199 13.10 -19.95 -7.73
CA GLY A 199 12.56 -18.74 -8.34
C GLY A 199 12.17 -17.72 -7.30
N ALA A 200 10.98 -17.15 -7.46
CA ALA A 200 10.46 -16.09 -6.57
C ALA A 200 8.99 -16.31 -6.33
N SER A 201 8.42 -15.69 -5.31
CA SER A 201 7.00 -15.81 -5.06
C SER A 201 6.47 -14.72 -4.13
N GLY A 202 5.17 -14.66 -3.90
CA GLY A 202 4.63 -13.64 -3.04
C GLY A 202 3.12 -13.60 -3.04
N VAL A 203 2.58 -12.44 -2.68
CA VAL A 203 1.15 -12.23 -2.55
C VAL A 203 0.77 -10.91 -3.22
N MET A 204 -0.36 -10.92 -3.92
CA MET A 204 -0.92 -9.75 -4.60
C MET A 204 -2.23 -9.38 -3.97
N PHE A 205 -2.54 -8.08 -3.92
CA PHE A 205 -3.87 -7.63 -3.55
C PHE A 205 -4.42 -6.71 -4.62
N THR A 206 -5.71 -6.83 -4.94
CA THR A 206 -6.30 -5.96 -5.96
C THR A 206 -6.88 -4.65 -5.37
N LEU A 207 -6.40 -4.28 -4.19
CA LEU A 207 -6.54 -2.93 -3.68
C LEU A 207 -5.32 -2.66 -2.86
N ASP A 208 -5.15 -1.39 -2.49
CA ASP A 208 -4.20 -1.01 -1.47
C ASP A 208 -4.84 -1.30 -0.11
N THR A 209 -4.28 -2.30 0.53
CA THR A 209 -4.69 -2.76 1.86
C THR A 209 -4.73 -1.65 2.92
N GLU A 210 -3.62 -0.91 2.99
CA GLU A 210 -3.46 0.24 3.89
C GLU A 210 -4.67 1.18 3.78
N SER A 211 -4.84 1.80 2.62
CA SER A 211 -5.82 2.85 2.45
C SER A 211 -7.18 2.33 2.08
N GLY A 212 -7.22 1.23 1.35
CA GLY A 212 -8.47 0.75 0.76
C GLY A 212 -8.69 1.17 -0.68
N TYR A 213 -7.77 1.97 -1.21
CA TYR A 213 -7.85 2.46 -2.55
C TYR A 213 -7.83 1.30 -3.55
N ASP A 214 -8.86 1.25 -4.40
CA ASP A 214 -9.08 0.07 -5.25
C ASP A 214 -8.63 0.23 -6.70
N GLN A 215 -7.97 1.33 -7.03
CA GLN A 215 -7.52 1.57 -8.41
C GLN A 215 -6.09 1.10 -8.66
N VAL A 216 -5.57 0.37 -7.68
CA VAL A 216 -4.21 -0.07 -7.70
C VAL A 216 -4.12 -1.56 -7.35
N VAL A 217 -3.16 -2.26 -7.96
CA VAL A 217 -2.79 -3.63 -7.53
C VAL A 217 -1.47 -3.57 -6.76
N PHE A 218 -1.43 -4.25 -5.62
CA PHE A 218 -0.24 -4.37 -4.76
C PHE A 218 0.47 -5.71 -4.98
N VAL A 219 1.78 -5.70 -5.27
CA VAL A 219 2.47 -6.96 -5.46
C VAL A 219 3.71 -7.03 -4.64
N THR A 220 3.76 -8.05 -3.80
CA THR A 220 4.90 -8.28 -2.91
C THR A 220 5.59 -9.56 -3.41
N SER A 221 6.90 -9.58 -3.30
CA SER A 221 7.72 -10.61 -3.94
C SER A 221 9.03 -10.84 -3.19
N SER A 222 9.38 -12.09 -3.04
CA SER A 222 10.73 -12.40 -2.61
C SER A 222 11.12 -13.71 -3.24
N TYR A 223 12.31 -14.17 -2.86
CA TYR A 223 12.90 -15.41 -3.33
C TYR A 223 12.41 -16.57 -2.47
N GLY A 224 12.25 -17.73 -3.07
CA GLY A 224 11.92 -18.92 -2.33
C GLY A 224 10.44 -19.19 -2.36
N LEU A 225 10.01 -20.14 -1.54
CA LEU A 225 8.59 -20.48 -1.47
C LEU A 225 7.87 -19.34 -0.78
N GLY A 226 6.63 -19.09 -1.22
CA GLY A 226 5.88 -17.90 -0.81
C GLY A 226 5.37 -17.96 0.61
N GLU A 227 5.56 -19.08 1.29
CA GLU A 227 5.05 -19.20 2.65
C GLU A 227 5.59 -18.10 3.54
N ASN A 228 6.86 -17.73 3.31
CA ASN A 228 7.52 -16.67 4.04
C ASN A 228 6.95 -15.26 3.88
N VAL A 229 6.56 -14.88 2.66
CA VAL A 229 5.92 -13.58 2.50
C VAL A 229 4.51 -13.64 3.07
N VAL A 230 3.80 -14.74 2.89
CA VAL A 230 2.45 -14.88 3.45
C VAL A 230 2.48 -14.71 4.97
N GLN A 231 3.50 -15.29 5.62
CA GLN A 231 3.62 -15.27 7.06
C GLN A 231 4.34 -14.07 7.65
N GLY A 232 4.86 -13.22 6.78
CA GLY A 232 5.68 -12.06 7.20
C GLY A 232 7.05 -12.39 7.80
N ALA A 233 7.61 -13.54 7.42
CA ALA A 233 8.89 -13.99 7.93
C ALA A 233 10.05 -13.30 7.19
N VAL A 234 9.71 -12.66 6.08
CA VAL A 234 10.64 -11.91 5.25
C VAL A 234 10.03 -10.51 4.95
N ASN A 235 10.87 -9.50 4.81
CA ASN A 235 10.50 -8.21 4.24
C ASN A 235 10.71 -8.24 2.71
N PRO A 236 9.60 -8.30 1.93
CA PRO A 236 9.67 -8.50 0.49
C PRO A 236 9.80 -7.19 -0.33
N ASP A 237 10.01 -7.37 -1.63
CA ASP A 237 9.92 -6.27 -2.56
C ASP A 237 8.43 -5.91 -2.68
N GLU A 238 8.12 -4.62 -2.72
CA GLU A 238 6.72 -4.14 -2.85
C GLU A 238 6.54 -3.22 -4.05
N PHE A 239 5.48 -3.48 -4.83
CA PHE A 239 5.21 -2.81 -6.09
C PHE A 239 3.75 -2.41 -6.18
N TYR A 240 3.50 -1.21 -6.71
CA TYR A 240 2.12 -0.77 -7.00
C TYR A 240 1.95 -0.62 -8.47
N VAL A 241 0.82 -1.09 -8.99
CA VAL A 241 0.53 -1.06 -10.43
C VAL A 241 -0.84 -0.40 -10.60
N PHE A 242 -0.96 0.50 -11.58
CA PHE A 242 -2.17 1.31 -11.73
C PHE A 242 -3.13 0.66 -12.67
N LYS A 243 -4.36 0.39 -12.20
CA LYS A 243 -5.29 -0.42 -13.01
C LYS A 243 -5.70 0.20 -14.35
N PRO A 244 -6.12 1.48 -14.34
CA PRO A 244 -6.59 2.04 -15.62
C PRO A 244 -5.57 2.02 -16.75
N THR A 245 -4.34 2.41 -16.47
CA THR A 245 -3.30 2.49 -17.48
C THR A 245 -2.77 1.10 -17.81
N LEU A 246 -2.81 0.17 -16.85
CA LEU A 246 -2.48 -1.25 -17.12
C LEU A 246 -3.47 -1.83 -18.13
N LYS A 247 -4.76 -1.52 -17.98
CA LYS A 247 -5.77 -1.97 -18.95
C LYS A 247 -5.63 -1.35 -20.32
N ALA A 248 -5.13 -0.11 -20.41
CA ALA A 248 -4.85 0.51 -21.69
C ALA A 248 -3.53 0.03 -22.29
N GLY A 249 -2.77 -0.79 -21.57
CA GLY A 249 -1.50 -1.35 -22.07
C GLY A 249 -0.26 -0.47 -21.92
N LYS A 250 -0.38 0.60 -21.14
CA LYS A 250 0.72 1.53 -20.91
C LYS A 250 1.52 1.07 -19.70
N PRO A 251 2.78 1.52 -19.58
CA PRO A 251 3.56 1.18 -18.41
C PRO A 251 2.89 1.74 -17.15
N ALA A 252 2.70 0.86 -16.15
CA ALA A 252 1.72 1.09 -15.09
C ALA A 252 2.26 0.87 -13.68
N ILE A 253 3.57 0.62 -13.59
CA ILE A 253 4.22 0.41 -12.32
C ILE A 253 4.53 1.77 -11.75
N LEU A 254 3.92 2.08 -10.60
CA LEU A 254 3.99 3.42 -10.01
C LEU A 254 5.09 3.55 -8.97
N ARG A 255 5.50 2.44 -8.41
CA ARG A 255 6.28 2.51 -7.22
C ARG A 255 6.94 1.17 -7.00
N LYS A 256 8.23 1.21 -6.71
CA LYS A 256 9.00 0.03 -6.45
C LYS A 256 9.73 0.28 -5.13
N THR A 257 9.52 -0.60 -4.15
CA THR A 257 10.26 -0.54 -2.88
C THR A 257 11.00 -1.83 -2.70
N MET A 258 12.32 -1.73 -2.62
CA MET A 258 13.16 -2.91 -2.42
C MET A 258 13.08 -3.47 -1.00
N GLY A 259 12.88 -4.79 -0.92
CA GLY A 259 12.81 -5.46 0.36
C GLY A 259 14.18 -5.90 0.78
N SER A 260 14.35 -6.11 2.08
CA SER A 260 15.65 -6.54 2.60
C SER A 260 15.92 -8.02 2.29
N LYS A 261 14.84 -8.80 2.19
CA LYS A 261 14.89 -10.17 1.65
C LYS A 261 15.99 -11.03 2.28
N HIS A 262 15.99 -11.13 3.60
CA HIS A 262 17.10 -11.76 4.35
C HIS A 262 17.22 -13.24 4.13
N ILE A 263 16.09 -13.91 4.06
CA ILE A 263 16.08 -15.36 4.02
C ILE A 263 15.11 -15.84 2.95
N LYS A 264 15.23 -17.11 2.59
CA LYS A 264 14.34 -17.74 1.59
C LYS A 264 14.13 -19.20 1.91
N MET A 265 12.91 -19.68 1.69
CA MET A 265 12.52 -21.10 1.93
C MET A 265 12.81 -21.92 0.69
N ILE A 266 13.55 -23.02 0.88
CA ILE A 266 14.02 -23.88 -0.21
C ILE A 266 13.68 -25.32 0.14
N PHE A 267 13.94 -26.24 -0.77
CA PHE A 267 13.68 -27.65 -0.52
C PHE A 267 14.85 -28.26 0.24
N THR A 268 14.55 -29.27 1.04
CA THR A 268 15.59 -30.16 1.57
C THR A 268 15.57 -31.46 0.74
N ASP A 269 16.71 -32.16 0.71
CA ASP A 269 16.80 -33.54 0.15
C ASP A 269 16.39 -34.50 1.26
N LYS A 270 16.01 -33.92 2.40
CA LYS A 270 16.07 -34.56 3.71
C LYS A 270 14.72 -34.36 4.42
N ALA A 271 13.67 -34.94 3.83
CA ALA A 271 12.29 -34.64 4.21
C ALA A 271 11.65 -35.74 5.08
N GLU A 272 11.82 -35.58 6.40
CA GLU A 272 11.25 -36.50 7.39
C GLU A 272 9.72 -36.32 7.45
N ALA A 273 9.23 -35.12 7.83
CA ALA A 273 7.77 -34.79 7.75
C ALA A 273 7.54 -33.32 7.34
N GLY A 274 7.83 -32.40 8.28
CA GLY A 274 7.82 -30.94 8.04
C GLY A 274 9.22 -30.36 7.81
N LYS A 275 10.21 -31.25 7.84
CA LYS A 275 11.59 -30.94 7.51
C LYS A 275 11.87 -31.01 5.98
N SER A 276 10.82 -31.06 5.17
CA SER A 276 10.95 -31.06 3.70
C SER A 276 11.31 -29.67 3.10
N VAL A 277 11.12 -28.63 3.91
CA VAL A 277 11.52 -27.28 3.56
C VAL A 277 12.30 -26.66 4.71
N THR A 278 13.17 -25.72 4.37
CA THR A 278 13.97 -25.01 5.36
C THR A 278 14.25 -23.59 4.89
N ASN A 279 14.59 -22.72 5.85
CA ASN A 279 15.03 -21.34 5.56
C ASN A 279 16.54 -21.22 5.52
N VAL A 280 16.98 -20.40 4.60
CA VAL A 280 18.38 -20.30 4.23
C VAL A 280 18.62 -18.82 3.92
N ASP A 281 19.81 -18.32 4.17
CA ASP A 281 20.10 -16.92 3.89
C ASP A 281 20.12 -16.64 2.40
N VAL A 282 19.63 -15.47 2.01
CA VAL A 282 19.74 -14.99 0.64
C VAL A 282 21.11 -14.32 0.43
N PRO A 283 21.83 -14.67 -0.65
CA PRO A 283 23.10 -13.99 -0.96
C PRO A 283 22.92 -12.52 -1.24
N GLU A 284 24.03 -11.78 -1.25
CA GLU A 284 23.99 -10.33 -1.18
C GLU A 284 23.77 -9.71 -2.56
N GLU A 285 24.24 -10.41 -3.59
CA GLU A 285 23.66 -10.30 -4.92
C GLU A 285 22.16 -10.09 -4.85
N ASP A 286 21.42 -11.17 -4.60
CA ASP A 286 19.98 -11.18 -4.77
C ASP A 286 19.30 -10.16 -3.85
N ARG A 287 19.90 -9.94 -2.68
CA ARG A 287 19.28 -9.14 -1.64
C ARG A 287 19.04 -7.71 -2.11
N ASN A 288 20.04 -7.13 -2.78
CA ASN A 288 19.95 -5.75 -3.24
C ASN A 288 19.51 -5.66 -4.70
N ARG A 289 19.04 -6.78 -5.24
CA ARG A 289 18.23 -6.78 -6.45
C ARG A 289 16.74 -6.84 -6.15
N PHE A 290 15.93 -6.43 -7.15
CA PHE A 290 14.50 -6.74 -7.14
C PHE A 290 14.32 -8.19 -7.61
N SER A 291 13.42 -8.92 -6.96
CA SER A 291 13.32 -10.36 -7.13
C SER A 291 12.52 -10.75 -8.35
N ILE A 292 11.69 -9.84 -8.87
CA ILE A 292 11.01 -10.02 -10.15
C ILE A 292 11.22 -8.78 -11.02
N THR A 293 11.05 -8.96 -12.32
CA THR A 293 11.24 -7.89 -13.32
C THR A 293 9.97 -7.12 -13.56
N ASP A 294 10.11 -5.96 -14.20
CA ASP A 294 8.94 -5.15 -14.56
C ASP A 294 7.95 -5.94 -15.42
N GLU A 295 8.45 -6.65 -16.41
CA GLU A 295 7.61 -7.50 -17.25
C GLU A 295 6.78 -8.48 -16.38
N GLU A 296 7.41 -9.08 -15.37
CA GLU A 296 6.72 -9.98 -14.42
C GLU A 296 5.68 -9.31 -13.51
N ILE A 297 6.07 -8.22 -12.84
CA ILE A 297 5.13 -7.39 -12.06
C ILE A 297 3.87 -7.13 -12.88
N THR A 298 4.08 -6.77 -14.14
CA THR A 298 2.99 -6.38 -15.03
C THR A 298 2.14 -7.58 -15.37
N GLU A 299 2.81 -8.68 -15.69
CA GLU A 299 2.11 -9.91 -16.09
C GLU A 299 1.22 -10.42 -14.97
N LEU A 300 1.73 -10.34 -13.75
CA LEU A 300 1.01 -10.72 -12.56
C LEU A 300 -0.15 -9.81 -12.32
N ALA A 301 0.03 -8.50 -12.51
CA ALA A 301 -1.07 -7.55 -12.29
C ALA A 301 -2.26 -7.85 -13.24
N HIS A 302 -1.95 -8.25 -14.48
CA HIS A 302 -2.98 -8.71 -15.40
C HIS A 302 -3.75 -9.94 -14.90
N TYR A 303 -3.04 -10.90 -14.32
CA TYR A 303 -3.70 -12.07 -13.76
C TYR A 303 -4.62 -11.64 -12.63
N ALA A 304 -4.14 -10.72 -11.78
CA ALA A 304 -4.90 -10.23 -10.64
C ALA A 304 -6.23 -9.69 -11.09
N LEU A 305 -6.23 -8.93 -12.19
CA LEU A 305 -7.43 -8.27 -12.66
C LEU A 305 -8.39 -9.25 -13.30
N THR A 306 -7.88 -10.19 -14.08
CA THR A 306 -8.79 -11.18 -14.62
C THR A 306 -9.40 -12.04 -13.48
N ILE A 307 -8.66 -12.34 -12.42
CA ILE A 307 -9.24 -12.99 -11.25
C ILE A 307 -10.33 -12.11 -10.55
N GLU A 308 -10.03 -10.82 -10.34
CA GLU A 308 -10.97 -9.91 -9.68
C GLU A 308 -12.22 -9.62 -10.54
N LYS A 309 -12.02 -9.50 -11.84
CA LYS A 309 -13.15 -9.34 -12.73
C LYS A 309 -14.06 -10.56 -12.61
N HIS A 310 -13.47 -11.76 -12.57
CA HIS A 310 -14.25 -12.96 -12.48
C HIS A 310 -15.04 -13.09 -11.18
N TYR A 311 -14.39 -12.94 -10.04
CA TYR A 311 -15.09 -13.01 -8.75
C TYR A 311 -15.94 -11.77 -8.43
N GLY A 312 -15.71 -10.65 -9.08
CA GLY A 312 -16.45 -9.44 -8.78
C GLY A 312 -16.16 -8.87 -7.41
N ARG A 313 -14.95 -9.07 -6.90
CA ARG A 313 -14.58 -8.42 -5.66
C ARG A 313 -13.09 -8.38 -5.45
N PRO A 314 -12.66 -7.55 -4.47
CA PRO A 314 -11.27 -7.53 -4.11
C PRO A 314 -10.75 -8.88 -3.68
N MET A 315 -9.56 -9.20 -4.17
CA MET A 315 -8.94 -10.49 -4.02
C MET A 315 -7.52 -10.41 -3.40
N ASP A 316 -7.25 -11.43 -2.60
CA ASP A 316 -5.94 -11.66 -2.00
C ASP A 316 -5.37 -12.96 -2.64
N ILE A 317 -4.25 -12.86 -3.35
CA ILE A 317 -3.78 -13.92 -4.26
C ILE A 317 -2.32 -14.28 -3.98
N GLU A 318 -2.04 -15.59 -3.93
CA GLU A 318 -0.71 -16.17 -3.82
C GLU A 318 -0.22 -16.58 -5.21
N TRP A 319 1.05 -16.32 -5.51
CA TRP A 319 1.62 -16.62 -6.84
C TRP A 319 3.04 -17.08 -6.67
N GLY A 320 3.56 -17.74 -7.70
CA GLY A 320 4.94 -18.20 -7.72
C GLY A 320 5.56 -18.22 -9.10
N ARG A 321 6.82 -17.83 -9.20
CA ARG A 321 7.57 -18.02 -10.43
C ARG A 321 8.39 -19.27 -10.32
N ASP A 322 8.13 -20.23 -11.20
CA ASP A 322 8.83 -21.49 -11.25
C ASP A 322 10.27 -21.25 -11.74
N GLY A 323 11.25 -21.51 -10.88
CA GLY A 323 12.65 -21.35 -11.26
C GLY A 323 13.10 -22.34 -12.36
N LEU A 324 12.39 -23.45 -12.52
CA LEU A 324 12.61 -24.39 -13.66
C LEU A 324 11.92 -23.85 -14.96
N ASP A 325 10.57 -23.84 -15.00
CA ASP A 325 9.77 -23.28 -16.13
C ASP A 325 10.14 -21.85 -16.54
N GLY A 326 10.25 -20.95 -15.55
CA GLY A 326 10.24 -19.49 -15.78
C GLY A 326 8.83 -18.93 -15.65
N LYS A 327 7.84 -19.81 -15.60
CA LYS A 327 6.45 -19.42 -15.73
C LYS A 327 5.81 -19.05 -14.40
N LEU A 328 4.89 -18.10 -14.46
CA LEU A 328 4.18 -17.58 -13.29
C LEU A 328 2.87 -18.35 -13.09
N TYR A 329 2.66 -18.79 -11.85
CA TYR A 329 1.49 -19.55 -11.46
C TYR A 329 0.78 -18.79 -10.38
N ILE A 330 -0.54 -18.97 -10.32
CA ILE A 330 -1.37 -18.51 -9.20
C ILE A 330 -1.64 -19.74 -8.36
N LEU A 331 -1.29 -19.66 -7.09
CA LEU A 331 -1.34 -20.82 -6.23
C LEU A 331 -2.63 -20.89 -5.45
N GLN A 332 -3.09 -19.75 -4.93
CA GLN A 332 -4.31 -19.62 -4.12
C GLN A 332 -4.89 -18.23 -4.38
N ALA A 333 -6.21 -18.08 -4.23
CA ALA A 333 -6.86 -16.77 -4.36
C ALA A 333 -8.08 -16.73 -3.47
N ARG A 334 -8.25 -15.68 -2.67
CA ARG A 334 -9.50 -15.52 -1.93
C ARG A 334 -9.92 -14.08 -1.81
N PRO A 335 -11.22 -13.82 -1.51
CA PRO A 335 -11.67 -12.47 -1.21
C PRO A 335 -10.84 -11.78 -0.13
N GLU A 336 -10.72 -10.46 -0.26
CA GLU A 336 -9.92 -9.65 0.66
C GLU A 336 -10.73 -9.34 1.93
N THR A 337 -12.04 -9.55 1.89
CA THR A 337 -12.90 -9.31 3.06
C THR A 337 -14.12 -10.22 3.11
N LEU A 360 -2.57 10.28 25.07
CA LEU A 360 -2.43 9.28 24.03
C LEU A 360 -2.25 7.88 24.62
N CYS A 361 -2.43 6.88 23.77
CA CYS A 361 -2.26 5.47 24.11
C CYS A 361 -2.31 4.68 22.80
N GLU A 362 -1.78 3.46 22.77
CA GLU A 362 -1.68 2.75 21.50
C GLU A 362 -1.90 1.26 21.64
N GLY A 363 -2.29 0.65 20.52
CA GLY A 363 -2.48 -0.78 20.45
C GLY A 363 -2.56 -1.24 19.00
N ARG A 364 -3.26 -2.35 18.79
CA ARG A 364 -3.45 -2.90 17.47
C ARG A 364 -4.76 -2.38 16.91
N ALA A 365 -4.69 -1.79 15.71
CA ALA A 365 -5.89 -1.27 15.04
C ALA A 365 -6.60 -2.40 14.29
N GLN A 368 -10.40 -0.75 9.91
CA GLN A 368 -10.57 0.68 9.71
C GLN A 368 -11.62 1.25 10.63
N LYS A 369 -11.73 2.58 10.63
CA LYS A 369 -12.70 3.26 11.46
C LYS A 369 -12.04 4.15 12.50
N VAL A 370 -12.63 5.32 12.72
CA VAL A 370 -12.45 6.14 13.93
C VAL A 370 -13.66 5.92 14.89
N GLY A 371 -13.63 6.53 16.08
CA GLY A 371 -14.70 6.39 17.06
C GLY A 371 -14.53 7.49 18.08
N GLN A 372 -15.48 7.62 19.01
CA GLN A 372 -15.40 8.67 20.04
C GLN A 372 -16.04 8.13 21.30
N GLY A 373 -16.06 8.93 22.37
CA GLY A 373 -16.80 8.59 23.58
C GLY A 373 -16.05 8.80 24.88
N LYS A 374 -16.79 8.63 25.97
CA LYS A 374 -16.24 8.69 27.31
C LYS A 374 -15.55 7.37 27.63
N VAL A 375 -14.33 7.40 28.19
CA VAL A 375 -13.66 6.16 28.66
C VAL A 375 -14.32 5.60 29.94
N ARG A 376 -14.89 4.39 29.83
CA ARG A 376 -15.51 3.72 30.96
C ARG A 376 -14.60 2.60 31.47
N ASP A 391 -19.63 5.55 24.76
CA ASP A 391 -18.73 4.96 25.76
C ASP A 391 -17.65 4.06 25.15
N VAL A 392 -16.39 4.49 25.25
CA VAL A 392 -15.22 3.65 24.89
C VAL A 392 -14.85 2.76 26.09
N LEU A 393 -15.01 1.44 25.93
CA LEU A 393 -14.76 0.48 27.00
C LEU A 393 -13.27 0.13 27.09
N VAL A 394 -12.74 0.28 28.30
CA VAL A 394 -11.33 0.08 28.60
C VAL A 394 -11.21 -1.01 29.65
N THR A 395 -10.61 -2.13 29.27
CA THR A 395 -10.50 -3.29 30.16
C THR A 395 -9.42 -4.31 29.70
N ASP A 396 -9.22 -5.36 30.51
CA ASP A 396 -8.12 -6.33 30.31
C ASP A 396 -8.35 -7.28 29.11
N MET A 397 -9.29 -8.22 29.23
CA MET A 397 -9.93 -8.83 28.05
C MET A 397 -11.30 -9.40 28.36
N THR A 398 -12.16 -9.35 27.35
CA THR A 398 -13.53 -9.81 27.42
C THR A 398 -13.70 -11.35 27.36
N ASP A 399 -14.48 -11.88 28.32
CA ASP A 399 -15.16 -13.17 28.18
C ASP A 399 -16.33 -13.01 27.19
N PRO A 400 -17.07 -14.10 26.91
CA PRO A 400 -18.41 -13.93 26.30
C PRO A 400 -19.42 -13.22 27.24
N ASP A 401 -19.30 -13.43 28.55
CA ASP A 401 -20.10 -12.69 29.56
C ASP A 401 -20.00 -11.18 29.44
N TRP A 402 -19.06 -10.71 28.63
CA TRP A 402 -18.89 -9.30 28.36
C TRP A 402 -19.62 -8.86 27.09
N GLU A 403 -20.62 -9.66 26.68
CA GLU A 403 -21.44 -9.35 25.49
C GLU A 403 -22.74 -8.53 25.77
N PRO A 404 -23.26 -8.56 27.02
CA PRO A 404 -24.36 -7.62 27.28
C PRO A 404 -23.80 -6.20 27.45
N VAL A 405 -22.97 -6.00 28.48
CA VAL A 405 -22.39 -4.69 28.78
C VAL A 405 -21.56 -4.14 27.60
N MET A 406 -21.11 -5.03 26.70
CA MET A 406 -20.45 -4.61 25.43
C MET A 406 -21.46 -3.86 24.55
N LYS A 407 -22.69 -4.38 24.51
CA LYS A 407 -23.82 -3.75 23.78
C LYS A 407 -24.13 -2.36 24.34
N ARG A 408 -23.98 -2.21 25.66
CA ARG A 408 -24.19 -0.94 26.37
C ARG A 408 -23.01 0.08 26.20
N ALA A 409 -22.43 0.16 24.99
CA ALA A 409 -21.20 0.95 24.76
C ALA A 409 -20.88 1.17 23.27
N SER A 410 -19.86 1.98 22.99
CA SER A 410 -19.56 2.48 21.64
C SER A 410 -18.08 2.45 21.23
N ALA A 411 -17.27 1.62 21.90
CA ALA A 411 -15.86 1.34 21.50
C ALA A 411 -15.19 0.37 22.47
N ILE A 412 -14.12 -0.28 22.02
CA ILE A 412 -13.43 -1.27 22.85
C ILE A 412 -11.91 -1.20 22.69
N VAL A 413 -11.25 -0.97 23.83
CA VAL A 413 -9.80 -0.89 23.90
C VAL A 413 -9.34 -1.85 25.01
N THR A 414 -8.47 -2.80 24.67
CA THR A 414 -8.07 -3.86 25.63
C THR A 414 -6.56 -4.06 25.78
N ASN A 415 -6.15 -4.37 27.02
CA ASN A 415 -4.76 -4.70 27.33
C ASN A 415 -4.18 -5.84 26.49
N ARG A 416 -4.87 -6.99 26.50
CA ARG A 416 -4.42 -8.18 25.81
C ARG A 416 -5.06 -8.34 24.43
N GLY A 417 -4.50 -9.27 23.64
CA GLY A 417 -5.12 -9.70 22.38
C GLY A 417 -4.43 -9.32 21.08
N GLY A 418 -4.66 -10.15 20.07
CA GLY A 418 -4.23 -9.87 18.69
C GLY A 418 -5.44 -9.86 17.75
N ARG A 419 -5.20 -10.14 16.47
CA ARG A 419 -6.24 -10.07 15.42
C ARG A 419 -7.51 -10.89 15.74
N THR A 420 -7.32 -12.16 16.12
CA THR A 420 -8.42 -13.09 16.40
C THR A 420 -8.78 -13.16 17.89
N CYS A 421 -8.34 -12.17 18.65
CA CYS A 421 -8.81 -11.86 20.00
C CYS A 421 -10.35 -11.89 20.08
N HIS A 422 -10.91 -12.24 21.24
CA HIS A 422 -12.38 -12.17 21.48
C HIS A 422 -12.93 -10.82 21.05
N ALA A 423 -12.51 -9.77 21.75
CA ALA A 423 -13.06 -8.43 21.54
C ALA A 423 -12.81 -7.94 20.11
N ALA A 424 -11.73 -8.38 19.48
CA ALA A 424 -11.44 -7.96 18.09
C ALA A 424 -12.41 -8.52 17.05
N ILE A 425 -13.14 -9.58 17.42
CA ILE A 425 -14.13 -10.19 16.52
C ILE A 425 -15.52 -9.52 16.68
N ILE A 426 -15.91 -9.23 17.91
CA ILE A 426 -17.13 -8.48 18.18
C ILE A 426 -17.10 -7.12 17.49
N ALA A 427 -15.89 -6.58 17.31
CA ALA A 427 -15.73 -5.23 16.80
C ALA A 427 -15.66 -5.21 15.27
N ARG A 428 -15.32 -6.36 14.70
CA ARG A 428 -15.42 -6.55 13.25
C ARG A 428 -16.86 -6.76 12.82
N GLU A 429 -17.60 -7.54 13.59
CA GLU A 429 -19.01 -7.79 13.31
C GLU A 429 -19.89 -6.71 13.92
N PRO A 433 -15.28 -0.03 16.64
CA PRO A 433 -14.08 -0.86 16.75
C PRO A 433 -13.02 -0.21 17.65
N ALA A 434 -11.76 -0.61 17.46
CA ALA A 434 -11.22 -1.78 18.13
C ALA A 434 -9.74 -1.64 18.24
N VAL A 435 -9.27 -1.29 19.42
CA VAL A 435 -7.82 -1.33 19.63
C VAL A 435 -7.46 -2.33 20.76
N VAL A 436 -6.78 -3.41 20.36
CA VAL A 436 -6.36 -4.48 21.26
C VAL A 436 -4.85 -4.49 21.34
N GLY A 437 -4.30 -5.13 22.36
CA GLY A 437 -2.86 -5.31 22.45
C GLY A 437 -2.13 -4.09 22.93
N CYS A 438 -2.77 -3.34 23.84
CA CYS A 438 -2.16 -2.24 24.58
C CYS A 438 -1.75 -2.77 25.96
N GLY A 439 -0.47 -3.05 26.16
CA GLY A 439 -0.04 -3.66 27.43
C GLY A 439 -0.71 -3.06 28.67
N ASN A 440 -0.83 -1.74 28.69
CA ASN A 440 -1.28 -1.03 29.88
C ASN A 440 -2.13 0.19 29.54
N ALA A 441 -3.40 -0.06 29.25
CA ALA A 441 -4.34 1.04 28.99
C ALA A 441 -5.24 1.29 30.21
N THR A 442 -5.59 0.22 30.91
CA THR A 442 -5.97 0.31 32.30
C THR A 442 -5.14 1.38 33.03
N GLU A 443 -3.85 1.39 32.78
CA GLU A 443 -2.95 2.35 33.39
C GLU A 443 -2.99 3.69 32.64
N LEU A 444 -2.48 3.69 31.41
CA LEU A 444 -2.39 4.92 30.61
C LEU A 444 -3.71 5.69 30.59
N LEU A 445 -4.81 5.00 30.26
CA LEU A 445 -6.12 5.66 30.14
C LEU A 445 -6.79 5.82 31.51
N LYS A 446 -7.51 6.93 31.67
CA LYS A 446 -8.14 7.30 32.95
C LYS A 446 -9.65 7.10 32.89
N ASN A 447 -10.25 6.86 34.06
CA ASN A 447 -11.67 6.53 34.13
C ASN A 447 -12.63 7.67 33.72
N GLY A 448 -12.15 8.91 33.75
CA GLY A 448 -12.98 10.05 33.38
C GLY A 448 -13.52 9.91 31.97
N GLN A 449 -12.87 10.58 31.02
CA GLN A 449 -13.24 10.47 29.61
C GLN A 449 -12.00 10.38 28.73
N GLU A 450 -11.73 11.46 27.98
CA GLU A 450 -12.62 11.89 26.90
C GLU A 450 -11.93 11.77 25.55
N VAL A 451 -12.12 10.62 24.90
CA VAL A 451 -11.13 10.10 23.97
C VAL A 451 -11.76 9.73 22.63
N THR A 452 -10.92 9.48 21.63
CA THR A 452 -11.41 9.10 20.31
C THR A 452 -10.39 8.22 19.59
N VAL A 453 -10.87 7.09 19.05
CA VAL A 453 -10.01 5.94 18.78
C VAL A 453 -9.80 5.61 17.29
N SER A 454 -8.69 6.09 16.73
CA SER A 454 -8.41 6.05 15.28
C SER A 454 -7.88 4.70 14.73
N CYS A 455 -8.27 4.36 13.50
CA CYS A 455 -7.67 3.26 12.72
C CYS A 455 -7.38 3.63 11.23
N ALA A 456 -7.29 4.92 10.92
CA ALA A 456 -6.85 5.34 9.59
C ALA A 456 -5.31 5.27 9.48
N ASP A 459 -2.32 0.84 10.70
CA ASP A 459 -2.95 -0.17 11.56
C ASP A 459 -2.38 -0.24 13.02
N THR A 460 -1.73 0.85 13.46
CA THR A 460 -1.20 0.97 14.84
C THR A 460 -2.22 1.60 15.80
N GLY A 461 -3.49 1.66 15.38
CA GLY A 461 -4.63 1.91 16.27
C GLY A 461 -4.38 2.83 17.46
N PHE A 462 -4.34 4.13 17.20
CA PHE A 462 -4.07 5.13 18.25
C PHE A 462 -5.31 5.40 19.11
N ILE A 463 -5.14 6.22 20.15
CA ILE A 463 -6.27 6.62 20.98
C ILE A 463 -5.93 7.93 21.73
N TYR A 464 -6.34 9.02 21.11
CA TYR A 464 -6.18 10.39 21.61
C TYR A 464 -7.41 10.64 22.51
N ALA A 465 -7.37 11.46 23.56
CA ALA A 465 -6.61 12.73 23.69
C ALA A 465 -7.27 13.84 22.84
N GLY A 466 -8.59 13.69 22.57
CA GLY A 466 -9.31 14.53 21.61
C GLY A 466 -10.81 14.31 21.45
N LEU A 467 -11.32 14.62 20.24
CA LEU A 467 -12.75 14.64 19.85
C LEU A 467 -13.04 15.95 19.10
N MET A 480 -21.38 15.74 0.00
CA MET A 480 -20.76 17.08 0.30
C MET A 480 -21.45 18.27 -0.41
N PRO A 481 -21.67 19.38 0.32
CA PRO A 481 -22.42 20.49 -0.27
C PRO A 481 -21.63 21.24 -1.34
N LYS A 482 -22.33 22.06 -2.12
CA LYS A 482 -21.71 22.82 -3.20
C LYS A 482 -20.72 23.84 -2.59
N ALA A 483 -19.49 23.84 -3.07
CA ALA A 483 -18.48 24.84 -2.69
C ALA A 483 -18.39 25.94 -3.74
N PRO A 484 -18.16 27.19 -3.31
CA PRO A 484 -18.01 28.31 -4.22
C PRO A 484 -16.66 28.33 -4.99
N VAL A 485 -15.61 27.72 -4.45
CA VAL A 485 -14.35 27.51 -5.16
C VAL A 485 -14.13 26.01 -5.21
N LYS A 486 -13.14 25.56 -5.99
CA LYS A 486 -12.67 24.17 -5.93
C LYS A 486 -11.69 23.98 -4.78
N VAL A 487 -11.96 23.02 -3.90
CA VAL A 487 -11.08 22.73 -2.79
C VAL A 487 -10.19 21.55 -3.21
N MET A 488 -8.90 21.84 -3.40
CA MET A 488 -7.88 20.91 -3.88
C MET A 488 -6.89 20.68 -2.74
N MET A 489 -6.06 19.65 -2.86
CA MET A 489 -5.09 19.32 -1.80
C MET A 489 -3.67 19.77 -2.10
N ASN A 490 -2.97 20.07 -1.03
CA ASN A 490 -1.54 20.29 -1.05
C ASN A 490 -0.83 19.01 -0.51
N VAL A 491 -0.11 18.32 -1.38
CA VAL A 491 0.43 16.98 -1.06
C VAL A 491 1.93 16.89 -1.40
N GLY A 492 2.74 16.42 -0.44
CA GLY A 492 4.17 16.19 -0.67
C GLY A 492 4.60 14.74 -0.63
N ASN A 493 3.94 13.92 0.17
CA ASN A 493 4.43 12.58 0.46
C ASN A 493 3.71 11.45 -0.31
N PRO A 494 4.33 10.92 -1.37
CA PRO A 494 3.69 9.89 -2.15
C PRO A 494 3.42 8.62 -1.39
N GLU A 495 4.05 8.42 -0.24
CA GLU A 495 3.73 7.25 0.56
C GLU A 495 2.36 7.39 1.22
N LEU A 496 1.79 8.60 1.26
CA LEU A 496 0.45 8.86 1.85
C LEU A 496 -0.65 9.11 0.80
N ALA A 497 -0.30 8.99 -0.49
CA ALA A 497 -1.15 9.46 -1.57
C ALA A 497 -2.48 8.70 -1.66
N PHE A 498 -2.44 7.40 -1.45
CA PHE A 498 -3.64 6.57 -1.58
C PHE A 498 -4.59 6.77 -0.41
N SER A 499 -4.06 7.17 0.75
CA SER A 499 -4.92 7.56 1.87
C SER A 499 -5.70 8.85 1.58
N PHE A 500 -5.24 9.69 0.66
CA PHE A 500 -6.02 10.88 0.30
C PHE A 500 -6.82 10.77 -1.00
N ALA A 501 -6.63 9.69 -1.76
CA ALA A 501 -7.52 9.40 -2.89
C ALA A 501 -8.98 9.53 -2.44
N ASN A 502 -9.17 9.09 -1.21
CA ASN A 502 -10.46 8.92 -0.61
C ASN A 502 -11.14 10.27 -0.20
N LEU A 503 -10.35 11.21 0.29
CA LEU A 503 -10.81 12.54 0.75
C LEU A 503 -11.57 13.23 -0.37
N PRO A 504 -12.64 13.97 -0.05
CA PRO A 504 -13.31 14.71 -1.10
C PRO A 504 -12.51 15.95 -1.53
N SER A 505 -12.01 15.96 -2.76
CA SER A 505 -11.30 17.11 -3.27
C SER A 505 -11.46 17.13 -4.77
N GLU A 506 -10.96 18.20 -5.37
CA GLU A 506 -10.96 18.38 -6.83
C GLU A 506 -9.62 18.01 -7.49
N GLY A 507 -8.74 17.35 -6.74
CA GLY A 507 -7.41 16.99 -7.17
C GLY A 507 -6.34 17.59 -6.28
N ILE A 508 -5.10 17.54 -6.77
CA ILE A 508 -3.93 18.09 -6.09
C ILE A 508 -3.53 19.39 -6.81
N GLY A 509 -3.65 20.48 -6.10
CA GLY A 509 -3.38 21.80 -6.65
C GLY A 509 -1.94 22.22 -6.45
N LEU A 510 -1.22 21.48 -5.60
CA LEU A 510 0.23 21.56 -5.39
C LEU A 510 0.74 20.18 -4.96
N ALA A 511 1.30 19.43 -5.91
CA ALA A 511 2.13 18.25 -5.65
C ALA A 511 3.58 18.70 -5.60
N ARG A 512 4.15 18.70 -4.41
CA ARG A 512 5.51 19.14 -4.16
C ARG A 512 6.49 18.03 -4.45
N MET A 513 7.71 18.37 -4.83
CA MET A 513 8.73 17.43 -5.34
C MET A 513 9.85 17.09 -4.31
N GLU A 514 9.82 17.77 -3.17
CA GLU A 514 10.98 17.85 -2.31
C GLU A 514 11.10 16.68 -1.34
N PHE A 515 10.01 16.00 -1.07
CA PHE A 515 10.04 14.80 -0.27
C PHE A 515 10.61 13.71 -1.18
N ILE A 516 10.22 13.66 -2.46
CA ILE A 516 10.77 12.65 -3.36
C ILE A 516 12.27 12.79 -3.45
N ILE A 517 12.76 14.03 -3.52
CA ILE A 517 14.19 14.26 -3.71
C ILE A 517 14.97 14.03 -2.41
N ASN A 518 14.52 14.63 -1.30
CA ASN A 518 15.13 14.40 0.00
C ASN A 518 15.11 12.96 0.43
N ARG A 519 13.92 12.37 0.34
CA ARG A 519 13.65 11.14 1.05
C ARG A 519 13.68 9.91 0.17
N GLN A 520 13.29 9.99 -1.10
CA GLN A 520 13.40 8.77 -1.93
C GLN A 520 14.72 8.69 -2.69
N ILE A 521 15.34 9.83 -2.95
CA ILE A 521 16.52 9.87 -3.83
C ILE A 521 17.73 10.15 -2.97
N GLY A 522 17.71 11.28 -2.28
CA GLY A 522 18.69 11.56 -1.23
C GLY A 522 20.07 12.02 -1.65
N ILE A 523 20.29 12.19 -2.97
CA ILE A 523 21.62 12.44 -3.59
C ILE A 523 21.52 13.59 -4.59
N HIS A 524 22.53 14.46 -4.59
CA HIS A 524 22.55 15.59 -5.51
C HIS A 524 22.66 15.08 -6.95
N PRO A 525 21.80 15.59 -7.87
CA PRO A 525 21.81 15.03 -9.22
C PRO A 525 23.13 15.23 -9.97
N LYS A 526 23.93 16.20 -9.57
CA LYS A 526 25.26 16.45 -10.21
C LYS A 526 26.30 15.40 -9.76
N ALA A 527 26.19 14.95 -8.52
CA ALA A 527 26.92 13.78 -8.04
C ALA A 527 26.62 12.51 -8.84
N LEU A 528 25.36 12.33 -9.24
CA LEU A 528 24.97 11.18 -10.08
C LEU A 528 25.44 11.39 -11.51
N LEU A 529 25.22 12.59 -12.02
CA LEU A 529 25.64 13.00 -13.37
C LEU A 529 27.16 12.85 -13.56
N GLU A 530 27.91 13.14 -12.49
CA GLU A 530 29.37 13.13 -12.51
C GLU A 530 29.92 12.04 -11.60
N PHE A 531 29.20 10.91 -11.54
CA PHE A 531 29.52 9.75 -10.74
C PHE A 531 30.99 9.41 -10.86
N ASP A 532 31.46 9.33 -12.09
CA ASP A 532 32.85 8.94 -12.35
C ASP A 532 33.92 9.88 -11.81
N LYS A 533 33.57 11.10 -11.42
CA LYS A 533 34.56 12.05 -10.90
C LYS A 533 34.67 11.95 -9.38
N GLN A 534 33.77 11.23 -8.74
CA GLN A 534 33.92 11.03 -7.33
C GLN A 534 35.04 10.02 -7.08
N ASP A 535 35.73 10.12 -5.96
CA ASP A 535 35.20 9.78 -4.67
C ASP A 535 34.84 8.34 -4.42
N ASP A 536 35.83 7.47 -4.36
CA ASP A 536 35.58 6.10 -3.97
C ASP A 536 34.55 5.96 -2.88
N GLU A 537 34.70 6.70 -1.81
CA GLU A 537 33.78 6.57 -0.72
C GLU A 537 32.40 6.95 -1.16
N LEU A 538 32.31 7.82 -2.14
CA LEU A 538 31.03 8.32 -2.55
C LEU A 538 30.47 7.49 -3.65
N LYS A 539 31.29 7.02 -4.56
CA LYS A 539 30.82 6.10 -5.55
C LYS A 539 30.16 4.89 -4.92
N ALA A 540 30.70 4.48 -3.81
CA ALA A 540 30.24 3.33 -3.07
C ALA A 540 28.90 3.61 -2.41
N GLU A 541 28.72 4.81 -1.86
CA GLU A 541 27.44 5.22 -1.21
C GLU A 541 26.32 5.31 -2.23
N ILE A 542 26.59 5.93 -3.36
CA ILE A 542 25.60 6.09 -4.41
C ILE A 542 25.12 4.73 -4.93
N THR A 543 26.07 3.86 -5.25
CA THR A 543 25.76 2.54 -5.76
C THR A 543 24.87 1.77 -4.80
N ARG A 544 25.20 1.83 -3.52
CA ARG A 544 24.36 1.26 -2.49
C ARG A 544 22.92 1.76 -2.64
N ARG A 545 22.78 3.08 -2.70
CA ARG A 545 21.46 3.70 -2.70
C ARG A 545 20.65 3.42 -3.99
N ILE A 546 21.35 3.29 -5.12
CA ILE A 546 20.72 3.14 -6.42
C ILE A 546 20.47 1.69 -6.77
N ALA A 547 20.59 0.80 -5.77
CA ALA A 547 20.43 -0.63 -5.99
C ALA A 547 19.06 -0.85 -6.59
N GLY A 548 19.01 -1.76 -7.57
CA GLY A 548 17.82 -2.02 -8.36
C GLY A 548 17.56 -1.09 -9.54
N TYR A 549 18.44 -0.13 -9.80
CA TYR A 549 18.27 0.82 -10.91
C TYR A 549 19.53 0.78 -11.80
N ALA A 550 19.34 1.07 -13.09
CA ALA A 550 20.31 0.77 -14.14
C ALA A 550 21.55 1.64 -14.07
N SER A 551 21.40 2.85 -13.57
CA SER A 551 22.53 3.77 -13.48
C SER A 551 22.21 4.88 -12.51
N PRO A 552 23.24 5.62 -12.07
CA PRO A 552 23.00 6.78 -11.22
C PRO A 552 21.94 7.75 -11.73
N VAL A 553 21.96 8.11 -13.02
CA VAL A 553 20.98 9.08 -13.57
C VAL A 553 19.59 8.49 -13.76
N ASP A 554 19.55 7.22 -14.15
CA ASP A 554 18.31 6.45 -14.22
C ASP A 554 17.61 6.32 -12.87
N PHE A 555 18.36 6.20 -11.81
CA PHE A 555 17.81 6.21 -10.45
C PHE A 555 17.03 7.49 -10.23
N TYR A 556 17.65 8.62 -10.59
CA TYR A 556 17.05 9.94 -10.33
C TYR A 556 15.76 10.15 -11.12
N VAL A 557 15.80 9.93 -12.44
CA VAL A 557 14.63 9.99 -13.29
C VAL A 557 13.52 9.00 -12.82
N ASP A 558 13.91 7.74 -12.59
CA ASP A 558 12.94 6.70 -12.25
C ASP A 558 12.21 7.01 -10.96
N LYS A 559 12.94 7.45 -9.96
CA LYS A 559 12.34 7.77 -8.67
C LYS A 559 11.42 9.01 -8.67
N ILE A 560 11.75 10.02 -9.46
CA ILE A 560 10.85 11.16 -9.68
C ILE A 560 9.58 10.67 -10.42
N ALA A 561 9.75 9.87 -11.47
CA ALA A 561 8.59 9.30 -12.20
C ALA A 561 7.70 8.50 -11.25
N GLU A 562 8.31 7.64 -10.42
CA GLU A 562 7.54 6.91 -9.46
C GLU A 562 6.80 7.86 -8.51
N GLY A 563 7.49 8.84 -7.96
CA GLY A 563 6.85 9.68 -6.97
C GLY A 563 5.70 10.44 -7.56
N VAL A 564 5.92 11.00 -8.75
CA VAL A 564 4.93 11.85 -9.41
C VAL A 564 3.78 11.01 -10.00
N ALA A 565 4.08 9.87 -10.62
CA ALA A 565 3.03 8.96 -11.09
C ALA A 565 2.12 8.52 -9.94
N THR A 566 2.72 8.24 -8.79
CA THR A 566 1.99 7.83 -7.60
C THR A 566 1.02 8.93 -7.14
N LEU A 567 1.51 10.14 -6.97
CA LEU A 567 0.66 11.28 -6.62
C LEU A 567 -0.48 11.51 -7.64
N ALA A 568 -0.15 11.51 -8.93
CA ALA A 568 -1.14 11.64 -10.03
C ALA A 568 -2.13 10.49 -10.12
N ALA A 569 -1.64 9.28 -9.87
CA ALA A 569 -2.50 8.10 -9.86
C ALA A 569 -3.50 8.17 -8.73
N SER A 570 -3.14 8.81 -7.63
CA SER A 570 -3.96 8.83 -6.42
C SER A 570 -5.30 9.53 -6.62
N VAL A 571 -5.30 10.57 -7.45
CA VAL A 571 -6.50 11.37 -7.66
C VAL A 571 -6.97 11.30 -9.11
N TYR A 572 -6.22 10.57 -9.93
CA TYR A 572 -6.62 10.32 -11.30
C TYR A 572 -8.09 9.94 -11.40
N PRO A 573 -8.81 10.56 -12.32
CA PRO A 573 -8.17 11.28 -13.42
C PRO A 573 -8.10 12.78 -13.15
N ARG A 574 -8.03 13.15 -11.87
CA ARG A 574 -8.20 14.54 -11.46
C ARG A 574 -6.89 15.31 -11.59
N LYS A 575 -7.00 16.64 -11.70
CA LYS A 575 -5.85 17.47 -11.91
C LYS A 575 -4.83 17.32 -10.81
N THR A 576 -3.57 17.12 -11.20
CA THR A 576 -2.46 17.08 -10.28
C THR A 576 -1.44 18.08 -10.83
N ILE A 577 -1.27 19.21 -10.13
CA ILE A 577 -0.34 20.23 -10.57
C ILE A 577 1.00 20.01 -9.87
N VAL A 578 1.99 19.52 -10.63
CA VAL A 578 3.30 19.17 -10.10
C VAL A 578 4.27 20.34 -10.16
N ARG A 579 4.66 20.85 -8.99
CA ARG A 579 5.71 21.87 -8.88
C ARG A 579 7.10 21.23 -9.02
N MET A 580 7.83 21.68 -10.05
CA MET A 580 9.25 21.34 -10.19
C MET A 580 10.03 21.85 -8.98
N SER A 581 11.25 21.39 -8.82
CA SER A 581 11.90 21.47 -7.51
C SER A 581 12.21 22.88 -7.09
N ASP A 582 11.83 23.16 -5.86
CA ASP A 582 11.83 24.49 -5.31
C ASP A 582 12.90 24.57 -4.20
N PHE A 583 13.93 23.76 -4.32
CA PHE A 583 14.99 23.77 -3.33
C PHE A 583 15.85 25.01 -3.39
N LYS A 584 16.18 25.51 -2.20
CA LYS A 584 17.24 26.51 -2.03
C LYS A 584 18.58 25.77 -2.08
N SER A 585 19.66 26.46 -2.39
CA SER A 585 20.95 25.76 -2.49
C SER A 585 21.39 25.10 -1.19
N ASN A 586 21.00 25.63 -0.04
CA ASN A 586 21.35 24.99 1.23
C ASN A 586 20.66 23.63 1.39
N GLU A 587 19.56 23.42 0.69
CA GLU A 587 18.85 22.14 0.72
C GLU A 587 19.48 21.13 -0.25
N TYR A 588 19.92 21.57 -1.40
CA TYR A 588 20.73 20.75 -2.30
C TYR A 588 22.09 20.39 -1.68
N ALA A 589 22.66 21.30 -0.90
CA ALA A 589 23.89 21.02 -0.16
C ALA A 589 23.77 19.85 0.80
N ASN A 590 22.63 19.67 1.46
CA ASN A 590 22.42 18.56 2.44
C ASN A 590 22.24 17.16 1.83
N LEU A 591 21.99 17.09 0.52
CA LEU A 591 21.92 15.79 -0.17
C LEU A 591 23.32 15.18 -0.22
N VAL A 592 23.41 13.88 -0.43
CA VAL A 592 24.73 13.24 -0.45
C VAL A 592 25.44 13.67 -1.73
N GLY A 593 26.69 14.09 -1.56
CA GLY A 593 27.49 14.68 -2.65
C GLY A 593 27.24 16.15 -2.98
N GLY A 594 26.48 16.85 -2.15
CA GLY A 594 25.90 18.13 -2.55
C GLY A 594 26.72 19.38 -2.28
N ASN A 595 27.41 19.42 -1.14
CA ASN A 595 28.13 20.64 -0.72
C ASN A 595 29.06 21.18 -1.74
N VAL A 596 29.83 20.32 -2.39
CA VAL A 596 30.78 20.76 -3.40
C VAL A 596 30.15 21.51 -4.58
N TYR A 597 28.85 21.35 -4.79
CA TYR A 597 28.13 22.00 -5.90
C TYR A 597 27.31 23.23 -5.50
N GLU A 598 27.23 23.46 -4.20
CA GLU A 598 26.31 24.42 -3.62
C GLU A 598 27.01 25.30 -2.61
N PRO A 599 27.69 26.35 -3.08
CA PRO A 599 28.35 27.26 -2.15
C PRO A 599 27.36 27.99 -1.23
N HIS A 600 27.83 28.31 -0.03
CA HIS A 600 27.01 28.99 0.95
C HIS A 600 26.59 30.35 0.42
N GLU A 601 25.33 30.69 0.62
CA GLU A 601 24.76 32.00 0.30
C GLU A 601 24.38 32.74 1.59
N GLU A 602 24.53 34.06 1.56
CA GLU A 602 24.12 34.94 2.68
C GLU A 602 22.62 34.99 2.90
N ASN A 603 21.87 34.99 1.80
CA ASN A 603 20.41 35.04 1.82
C ASN A 603 19.85 34.01 0.84
N PRO A 604 19.77 32.74 1.26
CA PRO A 604 19.24 31.62 0.44
C PRO A 604 17.84 31.83 -0.18
N MET A 605 16.95 32.51 0.53
CA MET A 605 15.60 32.82 0.06
C MET A 605 15.61 33.59 -1.26
N LEU A 606 16.70 34.32 -1.48
CA LEU A 606 16.85 35.27 -2.59
C LEU A 606 17.95 34.80 -3.53
N GLY A 607 18.39 33.56 -3.39
CA GLY A 607 19.54 33.04 -4.15
C GLY A 607 19.22 32.09 -5.30
N PHE A 608 20.11 31.12 -5.53
CA PHE A 608 20.11 30.34 -6.76
C PHE A 608 19.09 29.23 -6.64
N ARG A 609 17.93 29.46 -7.26
CA ARG A 609 16.78 28.58 -7.11
C ARG A 609 15.76 28.89 -8.17
N GLY A 610 14.86 27.95 -8.44
CA GLY A 610 13.77 28.19 -9.35
C GLY A 610 14.25 28.29 -10.77
N ALA A 611 13.54 29.10 -11.56
CA ALA A 611 13.79 29.22 -12.99
C ALA A 611 15.25 29.49 -13.29
N ALA A 612 15.89 30.35 -12.50
CA ALA A 612 17.30 30.74 -12.71
C ALA A 612 18.24 29.55 -12.63
N ARG A 613 17.97 28.70 -11.65
CA ARG A 613 18.62 27.42 -11.55
C ARG A 613 18.28 26.48 -12.69
N TYR A 614 17.04 26.46 -13.17
CA TYR A 614 16.68 25.51 -14.25
C TYR A 614 17.40 25.79 -15.54
N VAL A 615 17.65 27.07 -15.80
CA VAL A 615 18.11 27.53 -17.10
C VAL A 615 19.59 27.88 -17.07
N ALA A 616 20.20 27.80 -15.89
CA ALA A 616 21.63 28.06 -15.69
C ALA A 616 22.39 26.94 -16.39
N ASP A 617 23.36 27.32 -17.22
CA ASP A 617 24.22 26.40 -17.97
C ASP A 617 24.89 25.37 -17.07
N ASN A 618 25.18 25.85 -15.88
CA ASN A 618 25.82 25.10 -14.83
C ASN A 618 24.88 23.93 -14.32
N PHE A 619 23.56 24.01 -14.55
CA PHE A 619 22.59 23.04 -13.96
C PHE A 619 21.52 22.52 -14.92
N LYS A 620 21.73 22.71 -16.22
CA LYS A 620 20.71 22.35 -17.19
C LYS A 620 20.55 20.84 -17.41
N ASP A 621 21.62 20.09 -17.26
CA ASP A 621 21.54 18.64 -17.33
C ASP A 621 20.76 18.02 -16.17
N CYS A 622 20.64 18.72 -15.06
CA CYS A 622 19.83 18.26 -13.92
C CYS A 622 18.36 18.53 -14.13
N PHE A 623 18.08 19.69 -14.70
CA PHE A 623 16.71 20.07 -15.05
C PHE A 623 16.17 19.10 -16.09
N ALA A 624 17.03 18.76 -17.05
CA ALA A 624 16.75 17.79 -18.10
C ALA A 624 16.30 16.46 -17.53
N LEU A 625 16.85 16.12 -16.37
CA LEU A 625 16.55 14.87 -15.68
C LEU A 625 15.15 14.84 -15.11
N GLU A 626 14.79 15.94 -14.47
CA GLU A 626 13.46 16.12 -13.90
C GLU A 626 12.39 16.22 -15.01
N CYS A 627 12.75 16.84 -16.13
CA CYS A 627 11.86 16.91 -17.29
C CYS A 627 11.62 15.55 -17.93
N LYS A 628 12.66 14.74 -18.00
CA LYS A 628 12.56 13.39 -18.55
C LYS A 628 11.56 12.58 -17.77
N ALA A 629 11.56 12.75 -16.44
CA ALA A 629 10.61 12.07 -15.54
C ALA A 629 9.16 12.52 -15.75
N LEU A 630 8.89 13.82 -15.77
CA LEU A 630 7.55 14.35 -15.98
C LEU A 630 7.01 13.95 -17.35
N LYS A 631 7.86 14.00 -18.36
CA LYS A 631 7.44 13.66 -19.72
C LYS A 631 7.03 12.19 -19.80
N ARG A 632 7.80 11.33 -19.16
CA ARG A 632 7.45 9.93 -19.13
C ARG A 632 6.09 9.68 -18.48
N VAL A 633 5.90 10.31 -17.33
CA VAL A 633 4.66 10.22 -16.59
C VAL A 633 3.44 10.57 -17.43
N ARG A 634 3.51 11.64 -18.23
CA ARG A 634 2.40 12.05 -19.12
C ARG A 634 2.35 11.30 -20.43
N ASP A 635 3.49 11.17 -21.10
CA ASP A 635 3.54 10.75 -22.48
C ASP A 635 3.59 9.24 -22.64
N GLU A 636 4.04 8.54 -21.62
CA GLU A 636 4.14 7.07 -21.67
C GLU A 636 3.20 6.39 -20.72
N MET A 637 3.26 6.81 -19.46
CA MET A 637 2.40 6.31 -18.42
C MET A 637 0.96 6.78 -18.56
N GLY A 638 0.71 7.77 -19.41
CA GLY A 638 -0.64 8.19 -19.69
C GLY A 638 -1.27 8.93 -18.53
N LEU A 639 -0.45 9.48 -17.63
CA LEU A 639 -0.99 10.22 -16.52
C LEU A 639 -1.11 11.67 -16.91
N THR A 640 -2.04 11.92 -17.84
CA THR A 640 -2.17 13.21 -18.48
C THR A 640 -2.82 14.30 -17.60
N ASN A 641 -3.27 13.91 -16.42
CA ASN A 641 -3.88 14.82 -15.46
C ASN A 641 -2.85 15.71 -14.75
N VAL A 642 -1.57 15.39 -14.97
CA VAL A 642 -0.44 16.16 -14.50
C VAL A 642 -0.24 17.47 -15.28
N GLU A 643 -0.25 18.58 -14.56
CA GLU A 643 0.20 19.89 -15.08
C GLU A 643 1.52 20.20 -14.41
N ILE A 644 2.36 21.01 -15.06
CA ILE A 644 3.69 21.32 -14.55
C ILE A 644 3.66 22.74 -14.09
N MET A 645 3.98 22.96 -12.82
CA MET A 645 4.12 24.32 -12.27
C MET A 645 5.60 24.69 -12.10
N ILE A 646 5.92 25.93 -12.42
CA ILE A 646 7.29 26.45 -12.38
C ILE A 646 7.35 27.50 -11.29
N PRO A 647 8.24 27.33 -10.31
CA PRO A 647 8.37 28.35 -9.27
C PRO A 647 9.49 29.36 -9.49
N PHE A 648 9.47 30.41 -8.68
CA PHE A 648 10.47 31.47 -8.68
C PHE A 648 10.89 31.93 -10.08
N VAL A 649 9.94 32.46 -10.83
CA VAL A 649 10.21 33.05 -12.15
C VAL A 649 10.28 34.55 -11.94
N ARG A 650 11.50 35.07 -11.91
CA ARG A 650 11.76 36.44 -11.42
C ARG A 650 11.45 37.50 -12.46
N THR A 651 11.76 37.18 -13.72
CA THR A 651 11.69 38.12 -14.83
C THR A 651 11.03 37.48 -16.04
N LEU A 652 10.59 38.29 -17.00
CA LEU A 652 10.02 37.75 -18.25
C LEU A 652 11.04 37.00 -19.10
N GLY A 653 12.31 37.36 -18.96
CA GLY A 653 13.42 36.67 -19.61
C GLY A 653 13.60 35.26 -19.11
N GLU A 654 13.51 35.09 -17.79
CA GLU A 654 13.42 33.77 -17.17
C GLU A 654 12.20 32.96 -17.63
N ALA A 655 11.00 33.51 -17.58
CA ALA A 655 9.80 32.82 -18.12
C ALA A 655 10.07 32.27 -19.53
N GLU A 656 10.64 33.12 -20.36
CA GLU A 656 10.89 32.78 -21.73
C GLU A 656 11.95 31.72 -21.87
N ALA A 657 13.01 31.83 -21.09
CA ALA A 657 14.09 30.83 -21.04
C ALA A 657 13.63 29.45 -20.56
N VAL A 658 12.74 29.43 -19.57
CA VAL A 658 12.19 28.19 -19.05
C VAL A 658 11.32 27.50 -20.08
N VAL A 659 10.45 28.23 -20.78
CA VAL A 659 9.63 27.53 -21.77
C VAL A 659 10.54 27.06 -22.92
N LYS A 660 11.64 27.74 -23.18
CA LYS A 660 12.59 27.27 -24.18
C LYS A 660 13.33 26.02 -23.74
N ALA A 661 13.61 25.93 -22.44
CA ALA A 661 14.29 24.79 -21.82
C ALA A 661 13.39 23.57 -21.80
N LEU A 662 12.13 23.78 -21.46
CA LEU A 662 11.17 22.72 -21.41
C LEU A 662 11.04 22.15 -22.79
N LYS A 663 10.91 23.06 -23.75
CA LYS A 663 10.74 22.67 -25.14
C LYS A 663 11.92 21.84 -25.64
N GLU A 664 13.14 22.25 -25.30
CA GLU A 664 14.34 21.46 -25.59
C GLU A 664 14.22 20.04 -25.05
N ASN A 665 13.58 19.89 -23.88
CA ASN A 665 13.38 18.60 -23.20
C ASN A 665 12.02 17.94 -23.50
N GLY A 666 11.41 18.32 -24.62
CA GLY A 666 10.22 17.66 -25.13
C GLY A 666 8.89 18.00 -24.46
N LEU A 667 8.86 19.07 -23.67
CA LEU A 667 7.66 19.49 -22.97
C LEU A 667 7.19 20.85 -23.47
N GLU A 668 6.03 20.89 -24.13
CA GLU A 668 5.45 22.17 -24.65
C GLU A 668 3.97 22.32 -24.40
N ARG A 669 3.56 23.52 -24.05
CA ARG A 669 2.14 23.82 -24.02
C ARG A 669 1.46 23.43 -25.32
N GLY A 670 0.38 22.67 -25.16
CA GLY A 670 -0.38 22.19 -26.28
C GLY A 670 0.01 20.85 -26.83
N LYS A 671 1.27 20.45 -26.64
CA LYS A 671 1.75 19.14 -27.05
C LYS A 671 1.28 18.12 -26.00
N ASN A 672 0.56 17.08 -26.47
CA ASN A 672 -0.08 16.08 -25.62
C ASN A 672 -0.90 16.72 -24.49
N GLY A 673 -1.52 17.85 -24.81
CA GLY A 673 -2.39 18.55 -23.89
C GLY A 673 -1.70 19.23 -22.75
N LEU A 674 -0.37 19.30 -22.74
CA LEU A 674 0.29 19.83 -21.58
C LEU A 674 -0.18 21.24 -21.19
N ARG A 675 -0.37 21.41 -19.88
CA ARG A 675 -0.68 22.69 -19.27
C ARG A 675 0.47 23.10 -18.33
N LEU A 676 0.83 24.38 -18.41
CA LEU A 676 1.98 24.92 -17.72
C LEU A 676 1.53 26.05 -16.80
N ILE A 677 1.78 25.92 -15.50
CA ILE A 677 1.29 26.88 -14.47
C ILE A 677 2.53 27.56 -13.88
N MET A 678 2.41 28.84 -13.60
CA MET A 678 3.47 29.55 -12.92
C MET A 678 3.03 29.64 -11.47
N MET A 679 3.95 29.36 -10.56
CA MET A 679 3.77 29.85 -9.23
C MET A 679 4.00 31.34 -9.20
N CYS A 680 2.96 32.06 -8.79
CA CYS A 680 2.96 33.50 -8.70
C CYS A 680 3.37 33.87 -7.29
N GLU A 681 4.66 34.11 -7.07
CA GLU A 681 5.15 34.32 -5.71
C GLU A 681 6.07 35.52 -5.47
N LEU A 682 6.52 36.18 -6.53
CA LEU A 682 7.33 37.38 -6.42
C LEU A 682 6.46 38.58 -6.70
N PRO A 683 6.77 39.74 -6.07
CA PRO A 683 6.02 40.98 -6.40
C PRO A 683 6.01 41.34 -7.88
N SER A 684 7.05 41.03 -8.61
CA SER A 684 7.09 41.24 -10.06
C SER A 684 6.05 40.44 -10.84
N ASN A 685 5.73 39.25 -10.33
CA ASN A 685 4.71 38.37 -10.90
C ASN A 685 3.34 39.06 -10.81
N ALA A 686 3.13 39.85 -9.75
CA ALA A 686 1.86 40.54 -9.54
C ALA A 686 1.76 41.84 -10.41
N VAL A 687 2.81 42.67 -10.39
CA VAL A 687 2.74 43.93 -11.11
C VAL A 687 2.90 43.75 -12.62
N LEU A 688 3.48 42.63 -13.07
CA LEU A 688 3.52 42.26 -14.52
C LEU A 688 2.70 41.01 -14.76
N ALA A 689 1.61 40.86 -14.00
CA ALA A 689 0.76 39.67 -14.06
C ALA A 689 0.40 39.29 -15.50
N GLU A 690 -0.08 40.28 -16.26
CA GLU A 690 -0.59 40.08 -17.62
C GLU A 690 0.50 39.65 -18.58
N GLN A 691 1.68 40.20 -18.35
CA GLN A 691 2.82 39.96 -19.20
C GLN A 691 3.41 38.55 -18.96
N PHE A 692 3.55 38.17 -17.67
CA PHE A 692 3.95 36.81 -17.28
C PHE A 692 2.96 35.76 -17.76
N LEU A 693 1.70 36.10 -17.65
CA LEU A 693 0.63 35.19 -17.98
C LEU A 693 0.61 34.71 -19.43
N GLN A 694 1.16 35.46 -20.36
CA GLN A 694 1.28 35.01 -21.77
C GLN A 694 2.07 33.72 -21.99
N TYR A 695 2.96 33.45 -21.04
CA TYR A 695 3.84 32.29 -21.12
C TYR A 695 3.22 31.03 -20.51
N PHE A 696 2.08 31.18 -19.83
CA PHE A 696 1.49 30.14 -18.97
C PHE A 696 -0.04 30.01 -19.12
N ASP A 697 -0.57 28.90 -18.63
CA ASP A 697 -2.00 28.65 -18.67
C ASP A 697 -2.72 29.13 -17.43
N GLY A 698 -1.98 29.71 -16.49
CA GLY A 698 -2.57 30.17 -15.25
C GLY A 698 -1.52 30.30 -14.16
N PHE A 699 -1.96 30.78 -13.00
CA PHE A 699 -1.14 30.95 -11.81
C PHE A 699 -1.61 30.07 -10.67
N SER A 700 -0.67 29.59 -9.86
CA SER A 700 -0.93 29.24 -8.46
C SER A 700 -0.21 30.23 -7.60
N ILE A 701 -0.91 30.95 -6.76
CA ILE A 701 -0.31 31.97 -5.93
C ILE A 701 0.37 31.36 -4.70
N GLY A 702 1.66 31.61 -4.56
CA GLY A 702 2.39 31.20 -3.36
C GLY A 702 2.38 32.38 -2.39
N SER A 703 1.44 32.37 -1.46
CA SER A 703 1.22 33.53 -0.59
C SER A 703 2.29 33.70 0.47
N ASN A 704 2.94 32.61 0.85
CA ASN A 704 4.09 32.60 1.75
C ASN A 704 5.20 33.48 1.21
N ASP A 705 5.66 33.17 0.02
CA ASP A 705 6.74 33.90 -0.58
C ASP A 705 6.35 35.28 -0.99
N MET A 706 5.13 35.43 -1.49
CA MET A 706 4.59 36.74 -1.84
C MET A 706 4.59 37.64 -0.62
N THR A 707 4.13 37.11 0.52
CA THR A 707 4.08 37.89 1.77
C THR A 707 5.48 38.29 2.26
N GLN A 708 6.41 37.35 2.18
CA GLN A 708 7.78 37.60 2.62
C GLN A 708 8.51 38.68 1.80
N LEU A 709 8.34 38.61 0.49
CA LEU A 709 8.98 39.57 -0.40
C LEU A 709 8.29 40.94 -0.42
N THR A 710 6.96 40.97 -0.32
CA THR A 710 6.24 42.25 -0.32
C THR A 710 6.59 42.98 0.93
N LEU A 711 6.68 42.27 2.03
CA LEU A 711 6.91 42.87 3.34
C LEU A 711 8.36 42.81 3.77
N GLY A 712 9.25 42.21 2.99
CA GLY A 712 10.66 42.12 3.35
C GLY A 712 11.04 41.34 4.62
N LEU A 713 10.46 40.16 4.81
CA LEU A 713 10.56 39.35 6.03
C LEU A 713 10.91 37.91 5.78
N ASP A 714 11.72 37.36 6.68
CA ASP A 714 11.83 35.92 6.81
C ASP A 714 10.87 35.54 7.94
N ARG A 715 9.85 34.75 7.61
CA ARG A 715 8.83 34.37 8.57
C ARG A 715 9.36 33.31 9.58
N ASP A 716 10.51 32.70 9.27
CA ASP A 716 11.22 31.86 10.21
C ASP A 716 12.05 32.65 11.24
N SER A 717 12.40 33.89 10.96
CA SER A 717 13.00 34.70 11.99
C SER A 717 12.04 35.22 12.99
N GLY A 718 12.13 34.74 14.21
CA GLY A 718 11.28 35.21 15.26
C GLY A 718 11.40 36.67 15.64
N LEU A 719 12.42 37.34 15.15
CA LEU A 719 12.65 38.71 15.59
C LEU A 719 11.71 39.69 14.92
N VAL A 720 11.27 39.32 13.72
CA VAL A 720 10.38 40.13 12.90
C VAL A 720 9.04 39.50 12.53
N SER A 721 8.91 38.20 12.66
CA SER A 721 7.90 37.49 11.93
C SER A 721 6.47 37.69 12.44
N GLU A 722 6.28 38.52 13.44
CA GLU A 722 4.95 38.82 13.91
C GLU A 722 4.21 39.70 12.94
N SER A 723 4.92 40.17 11.93
CA SER A 723 4.37 41.15 11.02
C SER A 723 3.99 40.42 9.77
N PHE A 724 4.40 39.19 9.66
CA PHE A 724 3.93 38.33 8.62
C PHE A 724 2.43 38.20 8.67
N ASP A 725 1.78 38.48 7.56
CA ASP A 725 0.35 38.35 7.44
C ASP A 725 -0.01 38.33 5.94
N GLU A 726 -0.50 37.19 5.46
CA GLU A 726 -0.96 37.07 4.08
C GLU A 726 -2.11 38.04 3.78
N ARG A 727 -2.75 38.57 4.82
CA ARG A 727 -3.83 39.50 4.60
C ARG A 727 -3.53 40.94 4.93
N ASN A 728 -2.24 41.24 5.08
CA ASN A 728 -1.77 42.60 4.96
C ASN A 728 -2.32 43.23 3.69
N PRO A 729 -2.80 44.47 3.77
CA PRO A 729 -3.31 45.14 2.60
C PRO A 729 -2.36 45.14 1.41
N ALA A 730 -1.05 45.23 1.67
CA ALA A 730 -0.04 45.20 0.60
C ALA A 730 -0.02 43.85 -0.09
N VAL A 731 -0.22 42.79 0.65
CA VAL A 731 -0.23 41.47 0.04
C VAL A 731 -1.52 41.29 -0.76
N LYS A 732 -2.62 41.80 -0.22
CA LYS A 732 -3.91 41.77 -0.90
C LYS A 732 -3.89 42.52 -2.24
N VAL A 733 -3.27 43.70 -2.31
CA VAL A 733 -3.11 44.37 -3.60
C VAL A 733 -2.41 43.43 -4.60
N MET A 734 -1.41 42.70 -4.14
CA MET A 734 -0.67 41.80 -5.02
C MET A 734 -1.52 40.64 -5.51
N LEU A 735 -2.31 40.06 -4.62
CA LEU A 735 -3.18 38.93 -4.94
C LEU A 735 -4.25 39.37 -5.91
N HIS A 736 -4.79 40.55 -5.68
CA HIS A 736 -5.75 41.12 -6.57
C HIS A 736 -5.21 41.31 -7.97
N LEU A 737 -4.06 41.93 -8.08
CA LEU A 737 -3.42 42.08 -9.37
C LEU A 737 -3.32 40.74 -10.10
N ALA A 738 -2.85 39.71 -9.41
CA ALA A 738 -2.64 38.39 -10.02
C ALA A 738 -3.98 37.73 -10.41
N ILE A 739 -4.96 37.79 -9.50
CA ILE A 739 -6.18 37.07 -9.74
C ILE A 739 -7.00 37.74 -10.88
N SER A 740 -7.07 39.07 -10.91
CA SER A 740 -7.66 39.84 -12.02
C SER A 740 -7.04 39.55 -13.39
N ALA A 741 -5.72 39.60 -13.46
CA ALA A 741 -4.99 39.29 -14.67
C ALA A 741 -5.43 37.95 -15.20
N CYS A 742 -5.58 36.96 -14.32
CA CYS A 742 -5.98 35.62 -14.74
C CYS A 742 -7.43 35.55 -15.20
N ARG A 743 -8.30 36.20 -14.45
CA ARG A 743 -9.69 36.26 -14.81
C ARG A 743 -9.99 36.87 -16.17
N LYS A 744 -9.35 37.99 -16.48
CA LYS A 744 -9.58 38.56 -17.80
C LYS A 744 -9.03 37.76 -19.00
N GLN A 745 -8.25 36.71 -18.73
CA GLN A 745 -7.78 35.81 -19.78
C GLN A 745 -8.46 34.48 -19.76
N ASN A 746 -9.46 34.35 -18.88
CA ASN A 746 -10.14 33.08 -18.60
C ASN A 746 -9.15 31.97 -18.26
N LYS A 747 -8.17 32.31 -17.44
CA LYS A 747 -7.06 31.44 -17.10
C LYS A 747 -7.11 30.99 -15.63
N TYR A 748 -6.69 29.76 -15.38
CA TYR A 748 -6.57 29.20 -14.03
C TYR A 748 -5.91 30.15 -13.03
N VAL A 749 -6.59 30.39 -11.91
CA VAL A 749 -5.93 31.00 -10.76
C VAL A 749 -6.25 30.26 -9.43
N GLY A 750 -5.21 29.68 -8.84
CA GLY A 750 -5.30 29.02 -7.57
C GLY A 750 -4.44 29.69 -6.55
N ILE A 751 -4.66 29.37 -5.29
CA ILE A 751 -3.82 29.84 -4.19
C ILE A 751 -3.40 28.65 -3.27
N CYS A 752 -2.19 28.75 -2.76
CA CYS A 752 -1.57 27.76 -1.89
C CYS A 752 -1.15 28.39 -0.57
N GLY A 753 -1.20 27.58 0.48
CA GLY A 753 -0.97 28.08 1.81
C GLY A 753 -2.20 27.84 2.64
N GLN A 754 -2.01 27.90 3.94
CA GLN A 754 -3.05 27.54 4.89
C GLN A 754 -3.87 28.73 5.31
N GLY A 755 -3.50 29.91 4.80
CA GLY A 755 -4.23 31.15 5.04
C GLY A 755 -5.75 31.09 4.97
N PRO A 756 -6.30 30.52 3.87
CA PRO A 756 -7.76 30.33 3.78
C PRO A 756 -8.35 29.47 4.88
N SER A 757 -7.58 28.49 5.36
CA SER A 757 -8.01 27.65 6.49
C SER A 757 -7.86 28.39 7.82
N ASP A 758 -6.68 28.95 8.05
CA ASP A 758 -6.36 29.61 9.31
C ASP A 758 -7.15 30.91 9.52
N HIS A 759 -7.51 31.61 8.44
CA HIS A 759 -8.28 32.87 8.52
C HIS A 759 -9.49 32.85 7.60
N PRO A 760 -10.61 32.37 8.12
CA PRO A 760 -11.82 32.26 7.33
C PRO A 760 -12.23 33.51 6.56
N ASP A 761 -11.97 34.70 7.08
CA ASP A 761 -12.31 35.90 6.32
C ASP A 761 -11.39 36.10 5.10
N PHE A 762 -10.20 35.52 5.13
CA PHE A 762 -9.29 35.59 4.00
C PHE A 762 -9.84 34.74 2.84
N ALA A 763 -10.25 33.51 3.17
CA ALA A 763 -11.07 32.64 2.29
C ALA A 763 -12.24 33.38 1.67
N LYS A 764 -12.97 34.09 2.51
CA LYS A 764 -14.10 34.90 2.07
C LYS A 764 -13.66 35.94 1.03
N TRP A 765 -12.60 36.67 1.36
CA TRP A 765 -12.02 37.69 0.48
C TRP A 765 -11.58 37.11 -0.85
N LEU A 766 -10.99 35.92 -0.80
CA LEU A 766 -10.54 35.20 -1.99
C LEU A 766 -11.68 34.76 -2.90
N VAL A 767 -12.78 34.27 -2.33
CA VAL A 767 -13.93 33.87 -3.15
C VAL A 767 -14.50 35.13 -3.82
N GLU A 768 -14.61 36.18 -3.03
CA GLU A 768 -15.08 37.48 -3.48
C GLU A 768 -14.19 38.05 -4.61
N GLU A 769 -12.90 37.73 -4.60
CA GLU A 769 -11.98 38.14 -5.68
C GLU A 769 -12.09 37.30 -6.96
N GLY A 770 -12.73 36.13 -6.85
CA GLY A 770 -12.84 35.17 -7.96
C GLY A 770 -11.71 34.15 -8.08
N ILE A 771 -11.14 33.71 -6.97
CA ILE A 771 -10.16 32.63 -7.03
C ILE A 771 -10.85 31.37 -7.55
N GLU A 772 -10.16 30.60 -8.38
CA GLU A 772 -10.73 29.37 -8.97
C GLU A 772 -10.58 28.16 -8.05
N SER A 773 -9.52 28.16 -7.25
CA SER A 773 -9.29 27.06 -6.35
C SER A 773 -8.43 27.45 -5.16
N VAL A 774 -8.42 26.57 -4.18
CA VAL A 774 -7.62 26.73 -3.00
C VAL A 774 -6.99 25.37 -2.73
N SER A 775 -5.71 25.35 -2.34
CA SER A 775 -4.96 24.10 -2.08
C SER A 775 -4.54 24.00 -0.63
N LEU A 776 -5.05 22.99 0.05
CA LEU A 776 -4.96 22.87 1.50
C LEU A 776 -4.33 21.55 1.87
N ASN A 777 -3.67 21.53 3.03
CA ASN A 777 -3.24 20.28 3.66
C ASN A 777 -4.46 19.40 3.86
N PRO A 778 -4.36 18.10 3.49
CA PRO A 778 -5.51 17.18 3.56
C PRO A 778 -6.34 17.28 4.86
N ASP A 779 -5.67 17.44 6.00
CA ASP A 779 -6.39 17.50 7.27
C ASP A 779 -7.07 18.84 7.58
N THR A 780 -7.06 19.78 6.63
CA THR A 780 -7.77 21.05 6.76
C THR A 780 -8.84 21.17 5.70
N VAL A 781 -8.98 20.12 4.89
CA VAL A 781 -9.83 20.15 3.68
C VAL A 781 -11.33 20.18 3.98
N ILE A 782 -11.84 19.25 4.81
CA ILE A 782 -13.28 19.17 5.10
C ILE A 782 -13.79 20.43 5.81
N GLU A 783 -13.02 20.93 6.77
CA GLU A 783 -13.46 22.07 7.56
C GLU A 783 -13.61 23.28 6.67
N THR A 784 -12.62 23.55 5.83
CA THR A 784 -12.66 24.72 4.96
C THR A 784 -13.76 24.58 3.90
N TRP A 785 -13.85 23.42 3.26
CA TRP A 785 -14.95 23.15 2.33
C TRP A 785 -16.30 23.48 2.98
N LEU A 786 -16.53 22.99 4.21
CA LEU A 786 -17.82 23.16 4.87
C LEU A 786 -18.10 24.60 5.24
N TYR A 787 -17.08 25.27 5.78
CA TYR A 787 -17.13 26.72 6.06
C TYR A 787 -17.49 27.53 4.81
N LEU A 788 -16.84 27.23 3.71
CA LEU A 788 -17.11 27.94 2.47
C LEU A 788 -18.48 27.62 1.87
N ALA A 789 -18.88 26.35 1.92
CA ALA A 789 -20.19 25.89 1.41
C ALA A 789 -21.35 26.48 2.22
N ASN A 790 -21.18 26.53 3.52
CA ASN A 790 -22.14 27.14 4.40
C ASN A 790 -22.30 28.64 4.17
N GLU A 791 -21.21 29.31 3.83
CA GLU A 791 -21.22 30.73 3.46
C GLU A 791 -21.95 31.08 2.14
N LEU A 792 -22.11 30.09 1.25
CA LEU A 792 -22.62 30.32 -0.13
C LEU A 792 -24.18 30.32 -0.23
#